data_6FQY
#
_entry.id   6FQY
#
_cell.length_a   99.320
_cell.length_b   99.320
_cell.length_c   181.750
_cell.angle_alpha   90.00
_cell.angle_beta   90.00
_cell.angle_gamma   120.00
#
_symmetry.space_group_name_H-M   'P 32 2 1'
#
loop_
_entity.id
_entity.type
_entity.pdbx_description
1 polymer '6-phosphogluconate dehydrogenase, decarboxylating'
2 non-polymer 'NADP NICOTINAMIDE-ADENINE-DINUCLEOTIDE PHOSPHATE'
3 non-polymer 1,2-ETHANEDIOL
4 water water
#
_entity_poly.entity_id   1
_entity_poly.type   'polypeptide(L)'
_entity_poly.pdbx_seq_one_letter_code
;MCDIGLIGLAVMGQNLSLNISSKGFKIGVYNRTYERTEETMKRAKEENLVVYGYKTVEELINNLKKPRKVILLIKAGPAV
DENISNILKHFEKGDIIIDGGNEWYINSERRIKLCKEKDVEYLAMGVSGGEAGARYGCSFMPGGSKYAYDCVKEILEKCS
AQVGNSPCVTYIGPGSSGNYVKMVHNGIEYGDMQLISESYVIMKHILKYDNQKLSEVFNKWNEGILNSYLIEITANILAK
KDDLTNNYLVDMILDIAGAKGTGKWTMLEATERGIPCPTMCAALDARNISVFKELRTKAESNFNKDNILIDPNEDLNDFE
NDLLNALYCCKIISYTQGLFLLKQVSEEMNWKLNLGEIARIWRGGCIIRAVFLDRIANAYKNNEKLELLFLDNEFSDDIK
NKLPSLRKIVLMATKYSIPIPAFSASLAYFQMVTSQNLPLNLVQAQRDYFGSHTYRRTDREGNYHTLW
;
_entity_poly.pdbx_strand_id   A,B
#
loop_
_chem_comp.id
_chem_comp.type
_chem_comp.name
_chem_comp.formula
EDO non-polymer 1,2-ETHANEDIOL 'C2 H6 O2'
NAP non-polymer 'NADP NICOTINAMIDE-ADENINE-DINUCLEOTIDE PHOSPHATE' 'C21 H28 N7 O17 P3'
#
# COMPACT_ATOMS: atom_id res chain seq x y z
N MET A 1 -17.81 -45.98 -9.33
CA MET A 1 -17.15 -44.73 -9.71
C MET A 1 -17.19 -43.73 -8.56
N CYS A 2 -16.20 -42.84 -8.54
CA CYS A 2 -16.01 -41.89 -7.46
C CYS A 2 -16.88 -40.65 -7.65
N ASP A 3 -17.18 -39.99 -6.53
CA ASP A 3 -18.01 -38.79 -6.54
C ASP A 3 -17.20 -37.54 -6.82
N ILE A 4 -16.00 -37.44 -6.23
CA ILE A 4 -15.14 -36.28 -6.37
C ILE A 4 -13.70 -36.75 -6.54
N GLY A 5 -12.93 -35.97 -7.31
CA GLY A 5 -11.52 -36.21 -7.49
C GLY A 5 -10.72 -35.09 -6.87
N LEU A 6 -9.49 -35.39 -6.45
CA LEU A 6 -8.67 -34.40 -5.77
C LEU A 6 -7.20 -34.51 -6.17
N ILE A 7 -6.69 -33.44 -6.78
CA ILE A 7 -5.30 -33.35 -7.21
C ILE A 7 -4.55 -32.53 -6.17
N GLY A 8 -3.37 -32.99 -5.76
CA GLY A 8 -2.52 -32.23 -4.87
C GLY A 8 -2.73 -32.56 -3.41
N LEU A 9 -1.88 -33.44 -2.88
CA LEU A 9 -1.96 -33.93 -1.51
C LEU A 9 -0.86 -33.32 -0.65
N ALA A 10 -1.08 -32.10 -0.19
CA ALA A 10 -0.18 -31.53 0.81
C ALA A 10 -0.75 -31.85 2.19
N VAL A 11 -0.49 -30.99 3.18
CA VAL A 11 -1.13 -31.15 4.48
C VAL A 11 -2.58 -30.71 4.42
N MET A 12 -2.98 -30.06 3.33
CA MET A 12 -4.29 -29.45 3.20
C MET A 12 -5.28 -30.33 2.43
N GLY A 13 -4.85 -30.95 1.33
CA GLY A 13 -5.75 -31.81 0.59
C GLY A 13 -5.94 -33.21 1.14
N GLN A 14 -4.88 -33.80 1.71
CA GLN A 14 -5.02 -35.04 2.47
C GLN A 14 -6.23 -35.00 3.40
N ASN A 15 -6.26 -34.01 4.29
CA ASN A 15 -7.29 -33.99 5.32
C ASN A 15 -8.65 -33.64 4.73
N LEU A 16 -8.66 -32.94 3.60
CA LEU A 16 -9.90 -32.73 2.87
C LEU A 16 -10.39 -34.02 2.24
N SER A 17 -9.45 -34.89 1.82
CA SER A 17 -9.86 -36.21 1.34
C SER A 17 -10.50 -37.01 2.46
N LEU A 18 -9.93 -36.94 3.66
CA LEU A 18 -10.48 -37.65 4.80
C LEU A 18 -11.84 -37.08 5.19
N ASN A 19 -12.01 -35.77 5.09
CA ASN A 19 -13.29 -35.16 5.40
C ASN A 19 -14.35 -35.61 4.40
N ILE A 20 -14.00 -35.58 3.10
CA ILE A 20 -14.96 -35.96 2.07
C ILE A 20 -15.38 -37.41 2.26
N SER A 21 -14.44 -38.27 2.63
CA SER A 21 -14.78 -39.66 2.90
C SER A 21 -15.49 -39.83 4.23
N SER A 22 -15.24 -38.93 5.18
CA SER A 22 -15.90 -39.01 6.48
C SER A 22 -17.38 -38.70 6.42
N LYS A 23 -17.83 -38.03 5.34
CA LYS A 23 -19.20 -37.56 5.21
C LYS A 23 -19.96 -38.32 4.12
N GLY A 24 -19.67 -39.60 3.96
CA GLY A 24 -20.47 -40.44 3.10
C GLY A 24 -20.14 -40.40 1.63
N PHE A 25 -19.13 -39.63 1.23
CA PHE A 25 -18.65 -39.59 -0.15
C PHE A 25 -17.33 -40.33 -0.17
N LYS A 26 -16.91 -40.81 -1.32
CA LYS A 26 -15.60 -41.44 -1.44
C LYS A 26 -14.89 -40.88 -2.66
N ILE A 27 -13.59 -40.68 -2.52
CA ILE A 27 -12.82 -39.75 -3.33
C ILE A 27 -11.68 -40.47 -4.04
N GLY A 28 -11.38 -40.01 -5.26
CA GLY A 28 -10.19 -40.41 -5.97
C GLY A 28 -9.09 -39.40 -5.77
N VAL A 29 -7.85 -39.84 -5.99
CA VAL A 29 -6.69 -39.08 -5.54
C VAL A 29 -5.49 -39.33 -6.46
N TYR A 30 -4.67 -38.29 -6.61
CA TYR A 30 -3.47 -38.29 -7.43
C TYR A 30 -2.50 -37.26 -6.86
N ASN A 31 -1.22 -37.62 -6.84
CA ASN A 31 -0.15 -36.67 -6.55
C ASN A 31 0.98 -36.89 -7.55
N ARG A 32 1.73 -35.82 -7.83
CA ARG A 32 2.90 -35.94 -8.70
C ARG A 32 3.89 -36.96 -8.12
N THR A 33 4.16 -36.88 -6.83
CA THR A 33 4.99 -37.85 -6.14
C THR A 33 4.07 -38.79 -5.36
N TYR A 34 4.34 -40.09 -5.43
CA TYR A 34 3.36 -41.07 -4.95
C TYR A 34 3.58 -41.52 -3.51
N GLU A 35 4.61 -41.00 -2.83
CA GLU A 35 4.75 -41.29 -1.41
C GLU A 35 3.66 -40.62 -0.59
N ARG A 36 3.20 -39.43 -1.00
CA ARG A 36 2.11 -38.79 -0.29
C ARG A 36 0.75 -39.39 -0.67
N THR A 37 0.62 -39.89 -1.91
CA THR A 37 -0.52 -40.74 -2.22
C THR A 37 -0.47 -42.03 -1.42
N GLU A 38 0.74 -42.55 -1.18
CA GLU A 38 0.91 -43.71 -0.32
C GLU A 38 0.46 -43.42 1.11
N GLU A 39 0.89 -42.28 1.67
CA GLU A 39 0.60 -41.95 3.06
C GLU A 39 -0.88 -41.65 3.29
N THR A 40 -1.58 -41.14 2.28
CA THR A 40 -2.97 -40.74 2.47
C THR A 40 -3.87 -41.95 2.70
N MET A 41 -3.79 -42.97 1.85
CA MET A 41 -4.58 -44.17 2.12
C MET A 41 -4.14 -44.85 3.40
N LYS A 42 -2.88 -44.65 3.82
CA LYS A 42 -2.46 -45.14 5.14
C LYS A 42 -3.36 -44.56 6.22
N ARG A 43 -3.55 -43.24 6.21
CA ARG A 43 -4.42 -42.62 7.19
C ARG A 43 -5.89 -42.91 6.93
N ALA A 44 -6.26 -43.22 5.69
CA ALA A 44 -7.64 -43.56 5.39
C ALA A 44 -8.05 -44.84 6.09
N LYS A 45 -7.28 -45.92 5.89
CA LYS A 45 -7.61 -47.19 6.53
C LYS A 45 -7.34 -47.17 8.03
N GLU A 46 -6.53 -46.23 8.51
CA GLU A 46 -6.37 -46.07 9.96
C GLU A 46 -7.67 -45.58 10.59
N GLU A 47 -8.29 -44.54 10.03
CA GLU A 47 -9.52 -43.98 10.58
C GLU A 47 -10.76 -44.74 10.14
N ASN A 48 -10.60 -45.91 9.53
CA ASN A 48 -11.71 -46.70 9.01
C ASN A 48 -12.48 -45.84 8.00
N LEU A 49 -11.75 -45.44 6.97
CA LEU A 49 -12.32 -44.69 5.86
C LEU A 49 -11.67 -45.19 4.59
N VAL A 50 -12.40 -45.07 3.49
CA VAL A 50 -11.94 -45.56 2.20
C VAL A 50 -11.59 -44.38 1.31
N VAL A 51 -10.38 -44.42 0.76
CA VAL A 51 -9.91 -43.43 -0.20
C VAL A 51 -9.22 -44.18 -1.33
N TYR A 52 -9.61 -43.89 -2.56
CA TYR A 52 -9.07 -44.59 -3.71
C TYR A 52 -7.83 -43.85 -4.20
N GLY A 53 -6.76 -44.59 -4.44
CA GLY A 53 -5.48 -44.01 -4.85
C GLY A 53 -5.15 -44.36 -6.29
N TYR A 54 -4.56 -43.41 -6.99
CA TYR A 54 -4.23 -43.56 -8.39
C TYR A 54 -2.85 -42.97 -8.64
N LYS A 55 -2.18 -43.47 -9.67
CA LYS A 55 -0.81 -43.08 -9.96
C LYS A 55 -0.69 -42.12 -11.12
N THR A 56 -1.49 -42.30 -12.17
CA THR A 56 -1.62 -41.32 -13.22
C THR A 56 -2.90 -40.54 -13.02
N VAL A 57 -2.92 -39.31 -13.57
CA VAL A 57 -4.13 -38.51 -13.52
C VAL A 57 -5.20 -39.08 -14.45
N GLU A 58 -4.81 -39.93 -15.41
CA GLU A 58 -5.78 -40.45 -16.37
C GLU A 58 -6.70 -41.49 -15.75
N GLU A 59 -6.17 -42.39 -14.92
CA GLU A 59 -7.02 -43.44 -14.34
C GLU A 59 -8.06 -42.85 -13.41
N LEU A 60 -7.76 -41.77 -12.70
CA LEU A 60 -8.75 -41.23 -11.78
C LEU A 60 -9.81 -40.44 -12.55
N ILE A 61 -9.42 -39.79 -13.64
CA ILE A 61 -10.40 -39.07 -14.45
C ILE A 61 -11.42 -40.05 -15.00
N ASN A 62 -10.97 -41.25 -15.39
CA ASN A 62 -11.90 -42.24 -15.92
C ASN A 62 -12.65 -42.97 -14.81
N ASN A 63 -12.30 -42.73 -13.55
CA ASN A 63 -12.94 -43.37 -12.41
C ASN A 63 -13.88 -42.44 -11.68
N LEU A 64 -14.33 -41.36 -12.32
CA LEU A 64 -15.30 -40.46 -11.74
C LEU A 64 -16.59 -40.51 -12.55
N LYS A 65 -17.70 -40.21 -11.89
CA LYS A 65 -19.00 -40.20 -12.53
C LYS A 65 -19.29 -38.84 -13.15
N LYS A 66 -19.97 -38.86 -14.30
CA LYS A 66 -20.26 -37.58 -14.95
C LYS A 66 -21.44 -36.90 -14.26
N PRO A 67 -21.40 -35.57 -14.10
CA PRO A 67 -20.27 -34.72 -14.52
C PRO A 67 -19.07 -34.85 -13.59
N ARG A 68 -17.89 -35.05 -14.18
CA ARG A 68 -16.70 -35.31 -13.39
C ARG A 68 -16.28 -34.03 -12.67
N LYS A 69 -16.05 -34.14 -11.36
CA LYS A 69 -15.69 -33.00 -10.54
C LYS A 69 -14.33 -33.27 -9.90
N VAL A 70 -13.40 -32.35 -10.10
CA VAL A 70 -12.02 -32.50 -9.64
C VAL A 70 -11.64 -31.26 -8.85
N ILE A 71 -10.96 -31.47 -7.73
CA ILE A 71 -10.50 -30.38 -6.87
C ILE A 71 -8.98 -30.33 -6.96
N LEU A 72 -8.44 -29.12 -7.12
CA LEU A 72 -7.01 -28.88 -7.12
C LEU A 72 -6.62 -28.11 -5.88
N LEU A 73 -5.58 -28.58 -5.19
CA LEU A 73 -4.99 -27.94 -4.02
C LEU A 73 -3.48 -27.91 -4.15
N ILE A 74 -3.01 -27.48 -5.33
CA ILE A 74 -1.58 -27.34 -5.60
C ILE A 74 -1.20 -25.88 -5.52
N LYS A 75 0.07 -25.63 -5.21
CA LYS A 75 0.54 -24.27 -4.98
C LYS A 75 0.53 -23.45 -6.26
N ALA A 76 0.44 -22.13 -6.08
CA ALA A 76 0.33 -21.23 -7.23
C ALA A 76 1.63 -21.24 -8.02
N GLY A 77 1.51 -21.41 -9.34
CA GLY A 77 2.65 -21.44 -10.22
C GLY A 77 2.27 -21.98 -11.58
N PRO A 78 3.26 -22.19 -12.45
CA PRO A 78 2.98 -22.87 -13.73
C PRO A 78 2.43 -24.27 -13.53
N ALA A 79 2.64 -24.86 -12.34
CA ALA A 79 2.09 -26.18 -12.06
C ALA A 79 0.58 -26.16 -12.12
N VAL A 80 -0.05 -25.04 -11.78
CA VAL A 80 -1.50 -25.00 -11.83
C VAL A 80 -1.97 -25.14 -13.27
N ASP A 81 -1.23 -24.59 -14.20
CA ASP A 81 -1.61 -24.57 -15.61
C ASP A 81 -1.19 -25.83 -16.33
N GLU A 82 -0.11 -26.49 -15.87
CA GLU A 82 0.23 -27.79 -16.39
C GLU A 82 -0.71 -28.89 -15.90
N ASN A 83 -1.26 -28.74 -14.69
CA ASN A 83 -2.34 -29.64 -14.29
C ASN A 83 -3.62 -29.34 -15.06
N ILE A 84 -4.02 -28.07 -15.11
CA ILE A 84 -5.29 -27.71 -15.76
C ILE A 84 -5.25 -28.05 -17.24
N SER A 85 -4.12 -27.83 -17.91
CA SER A 85 -4.00 -28.20 -19.32
C SER A 85 -4.11 -29.71 -19.51
N ASN A 86 -3.52 -30.49 -18.60
CA ASN A 86 -3.51 -31.93 -18.77
C ASN A 86 -4.82 -32.57 -18.30
N ILE A 87 -5.50 -31.93 -17.34
CA ILE A 87 -6.86 -32.35 -17.03
C ILE A 87 -7.78 -32.09 -18.22
N LEU A 88 -7.56 -31.00 -18.95
CA LEU A 88 -8.43 -30.67 -20.07
C LEU A 88 -8.35 -31.69 -21.18
N LYS A 89 -7.22 -32.39 -21.31
CA LYS A 89 -7.09 -33.40 -22.36
C LYS A 89 -8.17 -34.46 -22.24
N HIS A 90 -8.41 -34.94 -21.02
CA HIS A 90 -9.35 -36.02 -20.77
C HIS A 90 -10.76 -35.54 -20.45
N PHE A 91 -10.93 -34.25 -20.14
CA PHE A 91 -12.23 -33.71 -19.77
C PHE A 91 -13.04 -33.32 -21.00
N GLU A 92 -14.35 -33.55 -20.93
CA GLU A 92 -15.36 -33.20 -21.93
C GLU A 92 -16.35 -32.20 -21.35
N LYS A 93 -17.26 -31.76 -22.22
CA LYS A 93 -18.28 -30.78 -21.91
C LYS A 93 -19.03 -31.17 -20.65
N GLY A 94 -19.26 -30.18 -19.79
CA GLY A 94 -20.00 -30.37 -18.57
C GLY A 94 -19.19 -30.78 -17.36
N ASP A 95 -17.90 -31.05 -17.52
CA ASP A 95 -17.05 -31.43 -16.41
C ASP A 95 -16.56 -30.20 -15.64
N ILE A 96 -16.26 -30.42 -14.36
CA ILE A 96 -16.00 -29.36 -13.39
C ILE A 96 -14.57 -29.43 -12.87
N ILE A 97 -13.86 -28.31 -12.93
CA ILE A 97 -12.55 -28.14 -12.30
C ILE A 97 -12.72 -27.18 -11.14
N ILE A 98 -12.31 -27.59 -9.95
CA ILE A 98 -12.46 -26.79 -8.73
C ILE A 98 -11.07 -26.51 -8.20
N ASP A 99 -10.64 -25.25 -8.29
CA ASP A 99 -9.37 -24.82 -7.71
C ASP A 99 -9.61 -24.36 -6.28
N GLY A 100 -8.95 -25.01 -5.33
CA GLY A 100 -9.02 -24.63 -3.94
C GLY A 100 -7.83 -23.88 -3.42
N GLY A 101 -6.81 -23.66 -4.24
CA GLY A 101 -5.64 -22.93 -3.79
C GLY A 101 -5.87 -21.43 -3.80
N ASN A 102 -5.14 -20.74 -2.92
CA ASN A 102 -5.19 -19.29 -2.83
C ASN A 102 -4.42 -18.71 -4.01
N GLU A 103 -5.14 -18.29 -5.04
CA GLU A 103 -4.53 -17.78 -6.27
C GLU A 103 -4.98 -16.36 -6.53
N TRP A 104 -4.09 -15.58 -7.15
CA TRP A 104 -4.41 -14.22 -7.58
C TRP A 104 -5.64 -14.24 -8.49
N TYR A 105 -6.62 -13.39 -8.17
CA TYR A 105 -7.93 -13.49 -8.80
C TYR A 105 -7.86 -13.22 -10.31
N ILE A 106 -6.92 -12.39 -10.74
CA ILE A 106 -6.79 -12.12 -12.17
C ILE A 106 -6.38 -13.39 -12.92
N ASN A 107 -5.54 -14.23 -12.28
CA ASN A 107 -5.19 -15.51 -12.88
C ASN A 107 -6.42 -16.39 -13.08
N SER A 108 -7.36 -16.36 -12.14
CA SER A 108 -8.55 -17.20 -12.27
C SER A 108 -9.44 -16.72 -13.41
N GLU A 109 -9.76 -15.43 -13.45
CA GLU A 109 -10.57 -14.88 -14.54
C GLU A 109 -10.02 -15.28 -15.90
N ARG A 110 -8.70 -15.41 -16.01
CA ARG A 110 -8.08 -15.90 -17.24
C ARG A 110 -8.35 -17.38 -17.46
N ARG A 111 -8.33 -18.18 -16.38
CA ARG A 111 -8.49 -19.63 -16.54
C ARG A 111 -9.94 -20.06 -16.59
N ILE A 112 -10.85 -19.33 -15.94
CA ILE A 112 -12.28 -19.56 -16.16
C ILE A 112 -12.62 -19.44 -17.64
N LYS A 113 -12.04 -18.44 -18.33
CA LYS A 113 -12.43 -18.19 -19.71
C LYS A 113 -11.73 -19.15 -20.66
N LEU A 114 -10.49 -19.56 -20.37
CA LEU A 114 -9.84 -20.56 -21.22
C LEU A 114 -10.52 -21.91 -21.07
N CYS A 115 -10.97 -22.23 -19.86
CA CYS A 115 -11.56 -23.55 -19.63
C CYS A 115 -12.95 -23.63 -20.23
N LYS A 116 -13.73 -22.55 -20.20
CA LYS A 116 -15.02 -22.59 -20.87
C LYS A 116 -14.91 -22.42 -22.37
N GLU A 117 -13.72 -22.07 -22.89
CA GLU A 117 -13.48 -22.18 -24.33
C GLU A 117 -13.39 -23.63 -24.79
N LYS A 118 -13.51 -24.57 -23.85
CA LYS A 118 -13.73 -25.98 -24.14
C LYS A 118 -15.02 -26.46 -23.48
N ASP A 119 -15.82 -25.53 -22.96
CA ASP A 119 -16.95 -25.84 -22.09
C ASP A 119 -16.53 -26.81 -20.99
N VAL A 120 -15.46 -26.45 -20.30
CA VAL A 120 -15.08 -27.03 -19.03
C VAL A 120 -15.36 -25.97 -17.98
N GLU A 121 -16.25 -26.28 -17.04
CA GLU A 121 -16.71 -25.27 -16.11
C GLU A 121 -15.80 -25.22 -14.90
N TYR A 122 -15.51 -24.00 -14.45
CA TYR A 122 -14.43 -23.75 -13.52
C TYR A 122 -15.01 -23.16 -12.24
N LEU A 123 -14.54 -23.66 -11.10
CA LEU A 123 -14.98 -23.18 -9.80
C LEU A 123 -13.74 -22.73 -9.03
N ALA A 124 -13.55 -21.41 -8.96
CA ALA A 124 -12.47 -20.84 -8.17
C ALA A 124 -12.99 -20.71 -6.73
N MET A 125 -12.54 -21.60 -5.86
CA MET A 125 -13.04 -21.68 -4.50
C MET A 125 -11.91 -21.42 -3.52
N GLY A 126 -12.03 -20.35 -2.74
CA GLY A 126 -11.09 -20.13 -1.65
C GLY A 126 -11.49 -20.94 -0.43
N VAL A 127 -10.48 -21.57 0.19
CA VAL A 127 -10.69 -22.38 1.37
C VAL A 127 -9.90 -21.77 2.52
N SER A 128 -10.52 -21.76 3.70
CA SER A 128 -9.86 -21.22 4.88
C SER A 128 -10.14 -22.15 6.06
N GLY A 129 -9.22 -22.17 7.00
CA GLY A 129 -9.30 -23.10 8.11
C GLY A 129 -8.03 -23.89 8.31
N GLY A 130 -7.14 -23.82 7.32
CA GLY A 130 -5.93 -24.60 7.47
C GLY A 130 -6.23 -26.08 7.41
N GLU A 131 -5.42 -26.83 8.16
CA GLU A 131 -5.45 -28.28 8.14
C GLU A 131 -6.25 -28.88 9.28
N ALA A 132 -6.66 -28.07 10.26
CA ALA A 132 -7.74 -28.47 11.16
C ALA A 132 -9.09 -28.30 10.49
N GLY A 133 -9.33 -27.13 9.89
CA GLY A 133 -10.55 -26.90 9.15
C GLY A 133 -10.74 -27.85 7.98
N ALA A 134 -9.64 -28.26 7.34
CA ALA A 134 -9.75 -29.24 6.27
C ALA A 134 -10.36 -30.54 6.77
N ARG A 135 -9.79 -31.09 7.84
CA ARG A 135 -10.18 -32.42 8.30
C ARG A 135 -11.60 -32.43 8.87
N TYR A 136 -12.00 -31.38 9.58
CA TYR A 136 -13.24 -31.43 10.34
C TYR A 136 -14.30 -30.44 9.91
N GLY A 137 -13.93 -29.33 9.27
CA GLY A 137 -14.89 -28.35 8.80
C GLY A 137 -14.29 -26.99 8.54
N CYS A 138 -14.15 -26.64 7.27
CA CYS A 138 -13.54 -25.39 6.84
C CYS A 138 -14.61 -24.39 6.39
N SER A 139 -14.17 -23.27 5.83
CA SER A 139 -15.04 -22.25 5.26
C SER A 139 -14.80 -22.19 3.75
N PHE A 140 -15.76 -22.71 2.99
CA PHE A 140 -15.65 -22.76 1.54
C PHE A 140 -16.23 -21.49 0.92
N MET A 141 -15.50 -20.91 -0.04
CA MET A 141 -15.92 -19.69 -0.73
C MET A 141 -15.85 -19.91 -2.23
N PRO A 142 -16.75 -20.72 -2.79
CA PRO A 142 -16.70 -21.00 -4.23
C PRO A 142 -17.34 -19.90 -5.06
N GLY A 143 -16.65 -19.53 -6.15
CA GLY A 143 -17.17 -18.55 -7.07
C GLY A 143 -16.88 -18.98 -8.49
N GLY A 144 -17.63 -18.40 -9.43
CA GLY A 144 -17.44 -18.74 -10.82
C GLY A 144 -18.68 -19.27 -11.48
N SER A 145 -18.64 -20.55 -11.86
CA SER A 145 -19.77 -21.19 -12.53
C SER A 145 -20.84 -21.57 -11.49
N LYS A 146 -22.01 -20.95 -11.62
CA LYS A 146 -23.14 -21.33 -10.77
C LYS A 146 -23.54 -22.77 -11.03
N TYR A 147 -23.36 -23.24 -12.28
CA TYR A 147 -23.65 -24.63 -12.62
C TYR A 147 -22.77 -25.58 -11.82
N ALA A 148 -21.46 -25.30 -11.78
CA ALA A 148 -20.53 -26.19 -11.09
C ALA A 148 -20.74 -26.15 -9.58
N TYR A 149 -21.12 -25.00 -9.02
CA TYR A 149 -21.39 -24.96 -7.58
C TYR A 149 -22.59 -25.81 -7.22
N ASP A 150 -23.57 -25.88 -8.12
CA ASP A 150 -24.78 -26.65 -7.83
C ASP A 150 -24.53 -28.15 -7.83
N CYS A 151 -23.62 -28.63 -8.67
CA CYS A 151 -23.36 -30.06 -8.75
C CYS A 151 -22.48 -30.55 -7.61
N VAL A 152 -21.73 -29.64 -6.98
CA VAL A 152 -20.78 -30.02 -5.94
C VAL A 152 -21.18 -29.52 -4.55
N LYS A 153 -22.20 -28.65 -4.43
CA LYS A 153 -22.50 -28.02 -3.14
C LYS A 153 -22.65 -29.05 -2.03
N GLU A 154 -23.30 -30.18 -2.35
CA GLU A 154 -23.61 -31.18 -1.33
C GLU A 154 -22.35 -31.70 -0.66
N ILE A 155 -21.27 -31.84 -1.42
CA ILE A 155 -19.98 -32.20 -0.83
C ILE A 155 -19.49 -31.07 0.08
N LEU A 156 -19.65 -29.81 -0.35
CA LEU A 156 -19.17 -28.70 0.46
C LEU A 156 -20.03 -28.49 1.70
N GLU A 157 -21.34 -28.67 1.56
CA GLU A 157 -22.24 -28.37 2.68
C GLU A 157 -21.99 -29.28 3.87
N LYS A 158 -21.57 -30.52 3.63
CA LYS A 158 -21.38 -31.50 4.70
C LYS A 158 -19.93 -31.65 5.11
N CYS A 159 -19.01 -30.96 4.43
CA CYS A 159 -17.60 -30.98 4.80
C CYS A 159 -17.14 -29.65 5.37
N SER A 160 -18.00 -28.65 5.40
CA SER A 160 -17.68 -27.35 5.95
C SER A 160 -17.98 -27.31 7.45
N ALA A 161 -17.63 -26.18 8.07
CA ALA A 161 -17.93 -25.93 9.47
C ALA A 161 -19.41 -25.59 9.65
N GLN A 162 -20.07 -26.28 10.58
CA GLN A 162 -21.50 -26.08 10.81
C GLN A 162 -21.66 -25.14 12.00
N VAL A 163 -22.19 -23.94 11.74
CA VAL A 163 -22.57 -23.00 12.78
C VAL A 163 -24.05 -23.24 13.06
N GLY A 164 -24.33 -24.12 14.03
CA GLY A 164 -25.72 -24.53 14.23
C GLY A 164 -26.19 -25.36 13.05
N ASN A 165 -27.19 -24.81 12.36
CA ASN A 165 -27.71 -25.40 11.15
C ASN A 165 -26.89 -25.01 9.92
N SER A 166 -26.32 -23.82 9.94
CA SER A 166 -25.78 -23.19 8.76
C SER A 166 -24.43 -23.75 8.35
N PRO A 167 -24.34 -24.40 7.19
CA PRO A 167 -23.03 -24.80 6.69
C PRO A 167 -22.27 -23.55 6.30
N CYS A 168 -20.96 -23.58 6.51
CA CYS A 168 -20.14 -22.42 6.16
C CYS A 168 -19.79 -22.42 4.69
N VAL A 169 -20.80 -22.51 3.83
CA VAL A 169 -20.61 -22.47 2.39
C VAL A 169 -21.71 -21.63 1.76
N THR A 170 -21.36 -20.88 0.72
CA THR A 170 -22.32 -20.12 -0.07
C THR A 170 -21.72 -19.87 -1.45
N TYR A 171 -22.59 -19.70 -2.43
CA TYR A 171 -22.15 -19.30 -3.76
C TYR A 171 -21.71 -17.84 -3.72
N ILE A 172 -20.40 -17.61 -3.82
CA ILE A 172 -19.86 -16.25 -3.71
C ILE A 172 -20.37 -15.37 -4.84
N GLY A 173 -20.21 -15.83 -6.07
CA GLY A 173 -20.60 -15.07 -7.23
C GLY A 173 -19.94 -15.56 -8.49
N PRO A 174 -20.02 -14.78 -9.56
CA PRO A 174 -19.41 -15.17 -10.83
C PRO A 174 -17.91 -14.88 -10.84
N GLY A 175 -17.26 -15.38 -11.90
CA GLY A 175 -15.87 -15.08 -12.13
C GLY A 175 -14.97 -15.52 -10.99
N SER A 176 -13.95 -14.72 -10.71
CA SER A 176 -12.98 -15.01 -9.66
C SER A 176 -13.36 -14.41 -8.31
N SER A 177 -14.65 -14.19 -8.08
CA SER A 177 -15.08 -13.58 -6.83
C SER A 177 -14.71 -14.45 -5.63
N GLY A 178 -14.59 -15.76 -5.82
CA GLY A 178 -14.22 -16.64 -4.72
C GLY A 178 -12.84 -16.33 -4.17
N ASN A 179 -11.85 -16.15 -5.06
CA ASN A 179 -10.51 -15.82 -4.59
C ASN A 179 -10.44 -14.41 -4.03
N TYR A 180 -11.27 -13.49 -4.55
CA TYR A 180 -11.22 -12.12 -4.06
C TYR A 180 -11.75 -12.02 -2.64
N VAL A 181 -12.86 -12.71 -2.35
CA VAL A 181 -13.36 -12.80 -0.97
C VAL A 181 -12.30 -13.39 -0.04
N LYS A 182 -11.73 -14.54 -0.43
CA LYS A 182 -10.74 -15.18 0.42
C LYS A 182 -9.52 -14.28 0.59
N MET A 183 -9.14 -13.55 -0.45
CA MET A 183 -8.03 -12.61 -0.34
C MET A 183 -8.34 -11.53 0.69
N VAL A 184 -9.55 -10.96 0.63
CA VAL A 184 -9.94 -9.95 1.60
C VAL A 184 -10.02 -10.56 2.99
N HIS A 185 -10.33 -11.86 3.07
CA HIS A 185 -10.40 -12.54 4.36
C HIS A 185 -9.04 -12.53 5.06
N ASN A 186 -7.97 -12.86 4.33
CA ASN A 186 -6.65 -12.85 4.94
C ASN A 186 -6.12 -11.44 5.16
N GLY A 187 -6.63 -10.46 4.41
CA GLY A 187 -6.34 -9.08 4.75
C GLY A 187 -6.87 -8.68 6.11
N ILE A 188 -8.12 -9.04 6.39
CA ILE A 188 -8.70 -8.78 7.71
C ILE A 188 -8.01 -9.65 8.76
N GLU A 189 -7.50 -10.82 8.37
CA GLU A 189 -6.75 -11.65 9.30
C GLU A 189 -5.43 -10.98 9.70
N TYR A 190 -4.72 -10.43 8.71
CA TYR A 190 -3.48 -9.70 9.00
C TYR A 190 -3.73 -8.54 9.95
N GLY A 191 -4.84 -7.82 9.77
CA GLY A 191 -5.13 -6.69 10.63
C GLY A 191 -5.56 -7.13 12.02
N ASP A 192 -6.29 -8.24 12.11
CA ASP A 192 -6.68 -8.76 13.43
C ASP A 192 -5.45 -9.20 14.22
N MET A 193 -4.50 -9.84 13.55
CA MET A 193 -3.27 -10.27 14.23
C MET A 193 -2.45 -9.08 14.70
N GLN A 194 -2.39 -8.02 13.88
CA GLN A 194 -1.63 -6.84 14.28
C GLN A 194 -2.27 -6.12 15.46
N LEU A 195 -3.61 -6.02 15.47
CA LEU A 195 -4.29 -5.36 16.58
C LEU A 195 -4.12 -6.14 17.88
N ILE A 196 -4.12 -7.47 17.79
CA ILE A 196 -3.92 -8.28 18.98
C ILE A 196 -2.49 -8.10 19.52
N SER A 197 -1.50 -8.07 18.62
CA SER A 197 -0.12 -7.89 19.05
C SER A 197 0.10 -6.53 19.68
N GLU A 198 -0.66 -5.52 19.25
CA GLU A 198 -0.53 -4.19 19.87
C GLU A 198 -1.24 -4.11 21.20
N SER A 199 -2.37 -4.80 21.37
CA SER A 199 -2.98 -4.90 22.69
C SER A 199 -2.06 -5.65 23.65
N TYR A 200 -1.31 -6.62 23.14
CA TYR A 200 -0.40 -7.40 23.97
C TYR A 200 0.73 -6.52 24.50
N VAL A 201 1.19 -5.56 23.71
CA VAL A 201 2.29 -4.69 24.14
C VAL A 201 1.80 -3.53 25.00
N ILE A 202 0.53 -3.17 24.90
CA ILE A 202 -0.02 -2.16 25.79
C ILE A 202 -0.10 -2.70 27.22
N MET A 203 -0.60 -3.92 27.38
CA MET A 203 -0.69 -4.49 28.71
C MET A 203 0.68 -4.88 29.27
N LYS A 204 1.58 -5.42 28.44
CA LYS A 204 2.86 -5.89 28.95
C LYS A 204 3.78 -4.72 29.30
N HIS A 205 3.69 -3.61 28.56
CA HIS A 205 4.65 -2.52 28.71
C HIS A 205 4.08 -1.28 29.40
N ILE A 206 2.78 -1.22 29.69
CA ILE A 206 2.18 -0.13 30.47
C ILE A 206 1.61 -0.63 31.78
N LEU A 207 0.83 -1.72 31.74
CA LEU A 207 0.33 -2.33 32.96
C LEU A 207 1.31 -3.34 33.51
N LYS A 208 2.40 -3.53 32.76
CA LYS A 208 3.52 -4.41 33.09
C LYS A 208 3.07 -5.79 33.57
N TYR A 209 2.24 -6.43 32.72
CA TYR A 209 1.68 -7.76 32.92
C TYR A 209 2.65 -8.84 32.48
N ASP A 210 2.86 -9.85 33.31
CA ASP A 210 3.64 -11.01 32.89
C ASP A 210 2.87 -11.87 31.89
N ASN A 211 3.58 -12.82 31.29
CA ASN A 211 3.04 -13.56 30.15
C ASN A 211 1.83 -14.40 30.52
N GLN A 212 1.74 -14.87 31.77
CA GLN A 212 0.57 -15.65 32.17
C GLN A 212 -0.64 -14.74 32.39
N LYS A 213 -0.42 -13.58 33.00
CA LYS A 213 -1.51 -12.63 33.18
C LYS A 213 -2.07 -12.19 31.83
N LEU A 214 -1.21 -12.05 30.83
CA LEU A 214 -1.69 -11.73 29.49
C LEU A 214 -2.54 -12.87 28.94
N SER A 215 -2.14 -14.12 29.20
CA SER A 215 -2.93 -15.26 28.75
C SER A 215 -4.30 -15.27 29.42
N GLU A 216 -4.39 -14.81 30.67
CA GLU A 216 -5.68 -14.78 31.35
C GLU A 216 -6.59 -13.71 30.78
N VAL A 217 -6.04 -12.53 30.50
CA VAL A 217 -6.85 -11.45 29.93
C VAL A 217 -7.36 -11.84 28.56
N PHE A 218 -6.55 -12.56 27.77
CA PHE A 218 -7.02 -13.04 26.48
C PHE A 218 -8.02 -14.17 26.67
N ASN A 219 -7.82 -15.02 27.68
CA ASN A 219 -8.84 -16.01 28.00
C ASN A 219 -10.08 -15.34 28.60
N LYS A 220 -9.97 -14.13 29.18
CA LYS A 220 -11.17 -13.38 29.58
C LYS A 220 -11.76 -12.54 28.47
N TRP A 221 -10.94 -12.13 27.50
CA TRP A 221 -11.55 -11.43 26.41
C TRP A 221 -12.26 -12.40 25.49
N ASN A 222 -11.69 -13.61 25.36
CA ASN A 222 -12.30 -14.62 24.52
C ASN A 222 -13.66 -15.08 25.06
N GLU A 223 -13.93 -14.83 26.34
CA GLU A 223 -15.25 -15.14 26.85
C GLU A 223 -16.28 -14.16 26.33
N GLY A 224 -15.85 -13.02 25.76
CA GLY A 224 -16.76 -11.94 25.44
C GLY A 224 -17.10 -11.58 24.02
N ILE A 225 -17.23 -10.27 23.81
CA ILE A 225 -17.69 -9.79 22.50
C ILE A 225 -16.65 -10.06 21.42
N LEU A 226 -15.36 -10.13 21.79
CA LEU A 226 -14.30 -10.49 20.86
C LEU A 226 -13.92 -11.97 20.97
N ASN A 227 -14.88 -12.82 21.31
CA ASN A 227 -14.71 -14.26 21.22
C ASN A 227 -14.30 -14.61 19.79
N SER A 228 -13.07 -15.05 19.61
CA SER A 228 -12.60 -15.38 18.27
C SER A 228 -11.55 -16.46 18.36
N TYR A 229 -11.29 -17.09 17.21
CA TYR A 229 -10.26 -18.12 17.17
C TYR A 229 -8.88 -17.55 17.50
N LEU A 230 -8.59 -16.36 16.98
CA LEU A 230 -7.25 -15.80 17.19
C LEU A 230 -7.03 -15.37 18.63
N ILE A 231 -8.07 -14.81 19.26
CA ILE A 231 -7.93 -14.38 20.65
C ILE A 231 -7.66 -15.56 21.57
N GLU A 232 -8.33 -16.69 21.32
CA GLU A 232 -8.16 -17.83 22.20
C GLU A 232 -6.78 -18.46 22.03
N ILE A 233 -6.23 -18.46 20.81
CA ILE A 233 -4.93 -19.09 20.61
C ILE A 233 -3.80 -18.22 21.18
N THR A 234 -3.99 -16.90 21.26
CA THR A 234 -2.99 -16.08 21.93
C THR A 234 -2.91 -16.40 23.41
N ALA A 235 -4.08 -16.64 24.04
CA ALA A 235 -4.09 -17.07 25.43
C ALA A 235 -3.31 -18.36 25.62
N ASN A 236 -3.43 -19.29 24.65
CA ASN A 236 -2.66 -20.52 24.71
C ASN A 236 -1.18 -20.25 24.45
N ILE A 237 -0.88 -19.39 23.48
CA ILE A 237 0.51 -19.12 23.10
C ILE A 237 1.25 -18.45 24.26
N LEU A 238 0.64 -17.44 24.87
CA LEU A 238 1.32 -16.68 25.92
C LEU A 238 1.59 -17.52 27.17
N ALA A 239 0.82 -18.60 27.37
CA ALA A 239 1.04 -19.49 28.51
C ALA A 239 1.99 -20.64 28.20
N LYS A 240 2.29 -20.87 26.92
CA LYS A 240 3.09 -22.02 26.53
C LYS A 240 4.52 -21.92 27.04
N LYS A 241 5.05 -23.04 27.52
CA LYS A 241 6.40 -23.10 28.05
C LYS A 241 7.35 -23.71 27.02
N ASP A 242 8.55 -23.16 26.95
CA ASP A 242 9.60 -23.70 26.11
C ASP A 242 10.06 -25.04 26.69
N ASP A 243 10.50 -25.95 25.82
CA ASP A 243 11.08 -27.20 26.32
C ASP A 243 12.60 -27.22 26.30
N LEU A 244 13.23 -26.14 25.80
CA LEU A 244 14.68 -26.02 25.89
C LEU A 244 15.13 -25.14 27.04
N THR A 245 14.38 -24.10 27.39
CA THR A 245 14.64 -23.29 28.57
C THR A 245 13.40 -23.24 29.44
N ASN A 246 13.50 -22.54 30.57
CA ASN A 246 12.40 -22.35 31.51
C ASN A 246 11.59 -21.10 31.22
N ASN A 247 11.61 -20.59 29.99
CA ASN A 247 10.95 -19.35 29.64
C ASN A 247 9.66 -19.66 28.90
N TYR A 248 8.85 -18.62 28.69
CA TYR A 248 7.68 -18.76 27.84
C TYR A 248 8.14 -18.90 26.39
N LEU A 249 7.46 -19.77 25.65
CA LEU A 249 7.91 -20.09 24.29
C LEU A 249 7.85 -18.87 23.38
N VAL A 250 6.82 -18.03 23.56
CA VAL A 250 6.67 -16.86 22.69
C VAL A 250 7.83 -15.87 22.89
N ASP A 251 8.42 -15.85 24.09
CA ASP A 251 9.51 -14.92 24.37
C ASP A 251 10.84 -15.35 23.76
N MET A 252 10.92 -16.57 23.24
CA MET A 252 12.13 -17.07 22.60
C MET A 252 12.02 -17.15 21.09
N ILE A 253 10.91 -16.69 20.52
CA ILE A 253 10.71 -16.66 19.07
C ILE A 253 11.23 -15.33 18.56
N LEU A 254 12.07 -15.38 17.52
CA LEU A 254 12.63 -14.16 16.97
C LEU A 254 11.59 -13.42 16.15
N ASP A 255 11.55 -12.10 16.32
CA ASP A 255 10.48 -11.26 15.79
C ASP A 255 10.72 -10.89 14.33
N ILE A 256 10.70 -11.92 13.48
CA ILE A 256 10.75 -11.74 12.03
C ILE A 256 9.57 -12.51 11.46
N ALA A 257 8.57 -11.78 10.96
CA ALA A 257 7.37 -12.37 10.38
C ALA A 257 7.09 -11.64 9.06
N GLY A 258 7.53 -12.24 7.95
CA GLY A 258 7.31 -11.65 6.65
C GLY A 258 5.92 -11.94 6.11
N ALA A 259 5.62 -11.32 4.96
CA ALA A 259 4.37 -11.53 4.27
C ALA A 259 4.49 -12.75 3.37
N LYS A 260 3.51 -13.66 3.46
CA LYS A 260 3.51 -14.88 2.68
C LYS A 260 2.80 -14.71 1.33
N GLY A 261 2.56 -13.48 0.91
CA GLY A 261 2.04 -13.21 -0.42
C GLY A 261 0.56 -12.86 -0.48
N THR A 262 -0.28 -13.79 -0.02
CA THR A 262 -1.73 -13.60 -0.07
C THR A 262 -2.15 -12.27 0.53
N GLY A 263 -1.84 -12.06 1.82
CA GLY A 263 -2.22 -10.81 2.47
C GLY A 263 -1.64 -9.57 1.81
N LYS A 264 -0.44 -9.68 1.23
CA LYS A 264 0.14 -8.58 0.47
C LYS A 264 -0.80 -8.13 -0.66
N TRP A 265 -1.56 -9.06 -1.23
CA TRP A 265 -2.37 -8.77 -2.41
C TRP A 265 -3.43 -7.72 -2.13
N THR A 266 -4.05 -7.77 -0.94
CA THR A 266 -5.17 -6.87 -0.66
C THR A 266 -4.74 -5.41 -0.64
N MET A 267 -3.50 -5.12 -0.23
CA MET A 267 -3.03 -3.74 -0.27
C MET A 267 -2.77 -3.27 -1.68
N LEU A 268 -2.37 -4.19 -2.58
CA LEU A 268 -2.22 -3.82 -3.99
C LEU A 268 -3.56 -3.45 -4.59
N GLU A 269 -4.60 -4.24 -4.32
CA GLU A 269 -5.93 -3.90 -4.81
C GLU A 269 -6.43 -2.60 -4.21
N ALA A 270 -6.18 -2.38 -2.92
CA ALA A 270 -6.59 -1.15 -2.27
C ALA A 270 -5.93 0.07 -2.91
N THR A 271 -4.62 -0.01 -3.16
CA THR A 271 -3.90 1.12 -3.74
C THR A 271 -4.36 1.43 -5.15
N GLU A 272 -4.44 0.41 -6.01
CA GLU A 272 -4.73 0.64 -7.42
C GLU A 272 -6.19 1.02 -7.65
N ARG A 273 -7.11 0.58 -6.80
CA ARG A 273 -8.52 0.92 -6.93
C ARG A 273 -8.90 2.14 -6.10
N GLY A 274 -7.99 2.68 -5.31
CA GLY A 274 -8.25 3.90 -4.56
C GLY A 274 -9.18 3.75 -3.38
N ILE A 275 -9.25 2.58 -2.78
CA ILE A 275 -10.03 2.34 -1.57
C ILE A 275 -9.07 2.22 -0.40
N PRO A 276 -9.13 3.13 0.58
CA PRO A 276 -8.13 3.11 1.66
C PRO A 276 -8.38 1.98 2.64
N CYS A 277 -7.29 1.35 3.06
CA CYS A 277 -7.33 0.29 4.08
C CYS A 277 -6.18 0.53 5.05
N PRO A 278 -6.29 1.56 5.90
CA PRO A 278 -5.16 1.94 6.74
C PRO A 278 -4.79 0.88 7.78
N THR A 279 -5.78 0.21 8.36
CA THR A 279 -5.50 -0.85 9.32
C THR A 279 -4.60 -1.92 8.72
N MET A 280 -4.80 -2.22 7.43
CA MET A 280 -3.96 -3.20 6.75
C MET A 280 -2.60 -2.64 6.37
N CYS A 281 -2.51 -1.33 6.10
CA CYS A 281 -1.20 -0.74 5.82
C CYS A 281 -0.27 -0.86 7.01
N ALA A 282 -0.79 -0.60 8.22
CA ALA A 282 0.03 -0.76 9.42
C ALA A 282 0.43 -2.22 9.63
N ALA A 283 -0.48 -3.15 9.30
CA ALA A 283 -0.18 -4.56 9.47
C ALA A 283 0.97 -5.00 8.57
N LEU A 284 0.93 -4.58 7.30
CA LEU A 284 2.02 -4.92 6.38
C LEU A 284 3.29 -4.16 6.71
N ASP A 285 3.17 -2.94 7.25
CA ASP A 285 4.35 -2.20 7.67
C ASP A 285 5.06 -2.90 8.81
N ALA A 286 4.30 -3.39 9.80
CA ALA A 286 4.90 -4.09 10.93
C ALA A 286 5.62 -5.35 10.47
N ARG A 287 5.02 -6.09 9.55
CA ARG A 287 5.65 -7.31 9.06
C ARG A 287 6.90 -7.00 8.25
N ASN A 288 6.84 -5.97 7.41
CA ASN A 288 7.97 -5.63 6.55
C ASN A 288 9.13 -5.04 7.35
N ILE A 289 8.82 -4.24 8.38
CA ILE A 289 9.89 -3.64 9.18
C ILE A 289 10.62 -4.72 9.97
N SER A 290 9.90 -5.75 10.43
CA SER A 290 10.52 -6.80 11.23
C SER A 290 11.58 -7.57 10.44
N VAL A 291 11.46 -7.58 9.11
CA VAL A 291 12.38 -8.36 8.30
C VAL A 291 13.80 -7.78 8.37
N PHE A 292 13.91 -6.47 8.54
CA PHE A 292 15.21 -5.82 8.71
C PHE A 292 15.63 -5.85 10.18
N LYS A 293 15.79 -7.06 10.70
CA LYS A 293 16.07 -7.23 12.13
C LYS A 293 17.45 -6.68 12.50
N GLU A 294 18.46 -6.89 11.65
CA GLU A 294 19.79 -6.42 11.97
C GLU A 294 19.99 -4.95 11.68
N LEU A 295 19.06 -4.33 10.95
CA LEU A 295 19.06 -2.88 10.85
C LEU A 295 18.38 -2.26 12.06
N ARG A 296 17.33 -2.91 12.59
CA ARG A 296 16.65 -2.39 13.76
C ARG A 296 17.51 -2.50 15.01
N THR A 297 18.43 -3.47 15.06
CA THR A 297 19.34 -3.56 16.19
C THR A 297 20.35 -2.42 16.16
N LYS A 298 20.87 -2.10 14.97
CA LYS A 298 21.77 -0.96 14.84
C LYS A 298 21.04 0.34 15.13
N ALA A 299 19.76 0.44 14.73
CA ALA A 299 19.00 1.66 14.95
C ALA A 299 18.73 1.88 16.44
N GLU A 300 18.43 0.81 17.17
CA GLU A 300 18.15 0.97 18.60
C GLU A 300 19.40 1.36 19.38
N SER A 301 20.56 0.82 18.99
CA SER A 301 21.80 1.19 19.66
C SER A 301 22.07 2.69 19.51
N ASN A 302 21.61 3.29 18.42
CA ASN A 302 21.77 4.73 18.26
C ASN A 302 20.66 5.50 18.94
N PHE A 303 19.42 5.04 18.82
CA PHE A 303 18.25 5.63 19.48
C PHE A 303 17.79 4.65 20.55
N ASN A 304 18.57 4.55 21.63
CA ASN A 304 18.21 3.68 22.75
C ASN A 304 16.81 3.99 23.27
N LYS A 305 15.95 2.99 23.30
CA LYS A 305 14.62 3.14 23.87
C LYS A 305 14.64 2.75 25.33
N ASP A 306 14.22 3.69 26.17
CA ASP A 306 14.20 3.50 27.63
C ASP A 306 13.04 2.61 28.07
N ASN A 307 13.24 1.91 29.18
CA ASN A 307 12.15 1.17 29.79
C ASN A 307 11.02 2.12 30.15
N ILE A 308 9.79 1.62 30.04
CA ILE A 308 8.58 2.42 30.19
C ILE A 308 8.32 2.68 31.67
N LEU A 309 8.67 3.87 32.14
CA LEU A 309 8.39 4.29 33.51
C LEU A 309 7.09 5.08 33.52
N ILE A 310 6.03 4.47 34.05
CA ILE A 310 4.71 5.07 34.02
C ILE A 310 4.60 6.11 35.14
N ASP A 311 3.91 7.21 34.85
CA ASP A 311 3.73 8.27 35.85
C ASP A 311 3.03 7.70 37.08
N PRO A 312 3.52 7.99 38.29
CA PRO A 312 2.89 7.41 39.49
C PRO A 312 1.45 7.84 39.71
N ASN A 313 1.05 9.05 39.29
CA ASN A 313 -0.34 9.47 39.40
C ASN A 313 -1.07 9.44 38.08
N GLU A 314 -0.54 8.74 37.09
CA GLU A 314 -1.35 8.38 35.93
C GLU A 314 -2.38 7.35 36.38
N ASP A 315 -3.64 7.58 36.04
CA ASP A 315 -4.71 6.68 36.43
C ASP A 315 -4.82 5.55 35.42
N LEU A 316 -4.75 4.32 35.91
CA LEU A 316 -4.78 3.13 35.07
C LEU A 316 -5.96 2.22 35.40
N ASN A 317 -6.84 2.63 36.33
CA ASN A 317 -8.09 1.91 36.52
C ASN A 317 -8.94 1.95 35.26
N ASP A 318 -9.57 0.82 34.95
CA ASP A 318 -10.41 0.59 33.78
C ASP A 318 -9.60 0.61 32.50
N PHE A 319 -8.29 0.78 32.56
CA PHE A 319 -7.45 0.76 31.36
C PHE A 319 -7.49 -0.61 30.68
N GLU A 320 -7.58 -1.69 31.45
CA GLU A 320 -7.65 -3.02 30.84
C GLU A 320 -8.94 -3.18 30.04
N ASN A 321 -10.03 -2.58 30.51
CA ASN A 321 -11.28 -2.61 29.77
C ASN A 321 -11.41 -1.47 28.76
N ASP A 322 -10.66 -0.39 28.94
CA ASP A 322 -10.57 0.60 27.87
C ASP A 322 -9.85 0.02 26.66
N LEU A 323 -8.82 -0.78 26.90
CA LEU A 323 -8.18 -1.51 25.80
C LEU A 323 -9.14 -2.53 25.21
N LEU A 324 -9.99 -3.11 26.05
CA LEU A 324 -11.06 -3.98 25.57
C LEU A 324 -11.94 -3.26 24.58
N ASN A 325 -12.45 -2.08 24.97
CA ASN A 325 -13.33 -1.31 24.09
C ASN A 325 -12.56 -0.78 22.89
N ALA A 326 -11.29 -0.40 23.07
CA ALA A 326 -10.49 0.08 21.96
C ALA A 326 -10.27 -1.02 20.92
N LEU A 327 -9.89 -2.21 21.38
CA LEU A 327 -9.67 -3.32 20.45
C LEU A 327 -10.94 -3.66 19.68
N TYR A 328 -12.08 -3.68 20.38
CA TYR A 328 -13.35 -3.95 19.70
C TYR A 328 -13.69 -2.82 18.73
N CYS A 329 -13.38 -1.58 19.11
CA CYS A 329 -13.60 -0.44 18.22
C CYS A 329 -12.76 -0.56 16.96
N CYS A 330 -11.50 -0.98 17.10
CA CYS A 330 -10.63 -1.10 15.94
C CYS A 330 -11.02 -2.27 15.04
N LYS A 331 -11.67 -3.29 15.61
CA LYS A 331 -12.12 -4.40 14.79
C LYS A 331 -13.33 -4.01 13.95
N ILE A 332 -14.26 -3.24 14.51
CA ILE A 332 -15.35 -2.70 13.74
C ILE A 332 -14.81 -1.85 12.58
N ILE A 333 -13.80 -1.03 12.87
CA ILE A 333 -13.19 -0.21 11.83
C ILE A 333 -12.44 -1.05 10.82
N SER A 334 -11.75 -2.10 11.29
CA SER A 334 -10.97 -2.94 10.38
C SER A 334 -11.87 -3.65 9.37
N TYR A 335 -12.96 -4.25 9.84
CA TYR A 335 -13.89 -4.91 8.94
C TYR A 335 -14.58 -3.90 8.02
N THR A 336 -14.80 -2.67 8.50
CA THR A 336 -15.43 -1.65 7.66
C THR A 336 -14.62 -1.38 6.40
N GLN A 337 -13.31 -1.24 6.54
CA GLN A 337 -12.46 -0.99 5.37
C GLN A 337 -12.44 -2.20 4.44
N GLY A 338 -12.45 -3.41 5.01
CA GLY A 338 -12.43 -4.60 4.19
C GLY A 338 -13.71 -4.80 3.41
N LEU A 339 -14.85 -4.62 4.06
CA LEU A 339 -16.13 -4.84 3.39
C LEU A 339 -16.47 -3.68 2.45
N PHE A 340 -16.01 -2.47 2.75
CA PHE A 340 -16.20 -1.37 1.80
C PHE A 340 -15.44 -1.65 0.51
N LEU A 341 -14.22 -2.19 0.63
CA LEU A 341 -13.47 -2.59 -0.57
C LEU A 341 -14.19 -3.69 -1.32
N LEU A 342 -14.67 -4.71 -0.60
CA LEU A 342 -15.42 -5.79 -1.24
C LEU A 342 -16.67 -5.25 -1.93
N LYS A 343 -17.45 -4.41 -1.24
CA LYS A 343 -18.65 -3.83 -1.82
C LYS A 343 -18.31 -3.07 -3.09
N GLN A 344 -17.28 -2.22 -3.05
CA GLN A 344 -16.94 -1.39 -4.19
C GLN A 344 -16.50 -2.24 -5.39
N VAL A 345 -15.58 -3.17 -5.16
CA VAL A 345 -15.12 -4.04 -6.24
C VAL A 345 -16.26 -4.91 -6.76
N SER A 346 -17.19 -5.27 -5.87
CA SER A 346 -18.38 -6.01 -6.31
C SER A 346 -19.15 -5.22 -7.35
N GLU A 347 -19.25 -3.90 -7.17
CA GLU A 347 -20.00 -3.07 -8.11
C GLU A 347 -19.21 -2.80 -9.38
N GLU A 348 -17.88 -2.68 -9.28
CA GLU A 348 -17.08 -2.47 -10.48
C GLU A 348 -16.94 -3.75 -11.31
N MET A 349 -16.84 -4.90 -10.65
CA MET A 349 -16.78 -6.18 -11.34
C MET A 349 -18.14 -6.78 -11.64
N ASN A 350 -19.22 -6.14 -11.15
CA ASN A 350 -20.58 -6.63 -11.35
C ASN A 350 -20.74 -8.05 -10.80
N TRP A 351 -20.25 -8.26 -9.58
CA TRP A 351 -20.38 -9.55 -8.92
C TRP A 351 -21.61 -9.64 -8.03
N LYS A 352 -22.10 -8.49 -7.55
CA LYS A 352 -23.25 -8.40 -6.63
C LYS A 352 -23.13 -9.40 -5.49
N LEU A 353 -22.02 -9.28 -4.76
CA LEU A 353 -21.77 -10.14 -3.62
C LEU A 353 -22.80 -9.89 -2.53
N ASN A 354 -23.09 -10.92 -1.76
CA ASN A 354 -24.00 -10.82 -0.62
C ASN A 354 -23.13 -10.86 0.62
N LEU A 355 -22.82 -9.68 1.15
CA LEU A 355 -21.91 -9.58 2.28
C LEU A 355 -22.53 -10.12 3.57
N GLY A 356 -23.86 -10.21 3.63
CA GLY A 356 -24.49 -10.81 4.79
C GLY A 356 -24.15 -12.28 4.94
N GLU A 357 -24.17 -13.03 3.84
CA GLU A 357 -23.86 -14.45 3.93
C GLU A 357 -22.36 -14.72 3.89
N ILE A 358 -21.58 -13.83 3.26
CA ILE A 358 -20.13 -13.94 3.36
C ILE A 358 -19.70 -13.84 4.82
N ALA A 359 -20.29 -12.91 5.55
CA ALA A 359 -20.04 -12.84 6.99
C ALA A 359 -20.51 -14.10 7.70
N ARG A 360 -21.59 -14.71 7.20
CA ARG A 360 -22.16 -15.89 7.86
C ARG A 360 -21.32 -17.14 7.59
N ILE A 361 -20.76 -17.29 6.39
CA ILE A 361 -19.85 -18.41 6.15
C ILE A 361 -18.56 -18.27 6.95
N TRP A 362 -18.16 -17.04 7.26
CA TRP A 362 -16.93 -16.80 8.02
C TRP A 362 -17.12 -16.97 9.52
N ARG A 363 -18.29 -17.37 9.99
CA ARG A 363 -18.46 -17.52 11.42
C ARG A 363 -17.79 -18.77 11.97
N GLY A 364 -17.41 -19.71 11.10
CA GLY A 364 -16.76 -20.91 11.56
C GLY A 364 -15.72 -21.39 10.57
N GLY A 365 -14.79 -22.17 11.09
CA GLY A 365 -13.77 -22.84 10.30
C GLY A 365 -12.59 -21.98 9.92
N CYS A 366 -12.80 -20.69 9.67
CA CYS A 366 -11.72 -19.87 9.16
C CYS A 366 -10.90 -19.30 10.31
N ILE A 367 -9.78 -18.65 9.98
CA ILE A 367 -8.93 -18.11 11.02
C ILE A 367 -9.62 -16.99 11.77
N ILE A 368 -10.46 -16.20 11.09
CA ILE A 368 -11.06 -15.00 11.68
C ILE A 368 -12.42 -15.30 12.32
N ARG A 369 -12.81 -16.57 12.37
CA ARG A 369 -14.09 -16.95 12.97
C ARG A 369 -14.28 -16.32 14.35
N ALA A 370 -15.39 -15.60 14.51
CA ALA A 370 -15.73 -14.93 15.75
C ALA A 370 -17.25 -14.74 15.80
N VAL A 371 -17.76 -14.55 17.02
CA VAL A 371 -19.16 -14.16 17.19
C VAL A 371 -19.42 -12.77 16.62
N PHE A 372 -18.35 -11.98 16.41
CA PHE A 372 -18.49 -10.64 15.86
C PHE A 372 -19.11 -10.70 14.46
N LEU A 373 -18.77 -11.72 13.68
CA LEU A 373 -19.25 -11.84 12.31
C LEU A 373 -20.72 -12.21 12.24
N ASP A 374 -21.34 -12.63 13.33
CA ASP A 374 -22.78 -12.83 13.35
C ASP A 374 -23.49 -11.49 13.41
N ARG A 375 -22.93 -10.53 14.13
CA ARG A 375 -23.45 -9.17 14.12
C ARG A 375 -23.36 -8.55 12.73
N ILE A 376 -22.28 -8.82 12.01
CA ILE A 376 -22.14 -8.30 10.65
C ILE A 376 -23.17 -8.91 9.72
N ALA A 377 -23.31 -10.24 9.76
CA ALA A 377 -24.29 -10.91 8.92
C ALA A 377 -25.70 -10.40 9.19
N ASN A 378 -26.05 -10.23 10.46
CA ASN A 378 -27.37 -9.70 10.79
C ASN A 378 -27.51 -8.25 10.37
N ALA A 379 -26.41 -7.49 10.35
CA ALA A 379 -26.46 -6.09 9.94
C ALA A 379 -26.80 -5.95 8.45
N TYR A 380 -26.14 -6.73 7.59
CA TYR A 380 -26.35 -6.59 6.16
C TYR A 380 -27.70 -7.15 5.73
N LYS A 381 -28.25 -8.13 6.44
CA LYS A 381 -29.58 -8.61 6.10
C LYS A 381 -30.65 -7.61 6.55
N ASN A 382 -30.32 -6.75 7.52
CA ASN A 382 -31.20 -5.64 7.88
C ASN A 382 -31.11 -4.51 6.85
N ASN A 383 -29.95 -4.32 6.23
CA ASN A 383 -29.75 -3.31 5.19
C ASN A 383 -28.83 -3.93 4.15
N GLU A 384 -29.41 -4.39 3.03
CA GLU A 384 -28.64 -5.11 2.04
C GLU A 384 -27.73 -4.21 1.21
N LYS A 385 -27.94 -2.90 1.24
CA LYS A 385 -27.15 -1.97 0.45
C LYS A 385 -26.24 -1.10 1.31
N LEU A 386 -25.95 -1.54 2.54
CA LEU A 386 -25.09 -0.77 3.43
C LEU A 386 -23.65 -0.77 2.90
N GLU A 387 -23.08 0.43 2.74
CA GLU A 387 -21.71 0.55 2.23
C GLU A 387 -20.68 0.47 3.35
N LEU A 388 -20.71 1.40 4.29
CA LEU A 388 -19.85 1.34 5.47
C LEU A 388 -20.66 0.73 6.61
N LEU A 389 -20.00 -0.12 7.41
CA LEU A 389 -20.76 -0.94 8.33
C LEU A 389 -21.01 -0.24 9.66
N PHE A 390 -20.12 0.67 10.09
CA PHE A 390 -20.44 1.38 11.31
C PHE A 390 -21.50 2.45 11.11
N LEU A 391 -22.00 2.61 9.88
CA LEU A 391 -23.20 3.40 9.65
C LEU A 391 -24.46 2.64 10.04
N ASP A 392 -24.36 1.34 10.34
CA ASP A 392 -25.48 0.62 10.91
C ASP A 392 -25.80 1.18 12.28
N ASN A 393 -27.08 1.10 12.66
CA ASN A 393 -27.53 1.82 13.85
C ASN A 393 -26.95 1.23 15.14
N GLU A 394 -26.96 -0.10 15.28
CA GLU A 394 -26.31 -0.70 16.44
C GLU A 394 -24.80 -0.46 16.43
N PHE A 395 -24.13 -0.68 15.28
CA PHE A 395 -22.68 -0.50 15.24
C PHE A 395 -22.31 0.96 15.50
N SER A 396 -23.09 1.91 14.97
CA SER A 396 -22.81 3.32 15.23
C SER A 396 -22.89 3.61 16.72
N ASP A 397 -23.84 2.98 17.42
CA ASP A 397 -23.94 3.16 18.86
C ASP A 397 -22.76 2.50 19.58
N ASP A 398 -22.23 1.40 19.03
CA ASP A 398 -21.03 0.80 19.59
C ASP A 398 -19.83 1.71 19.43
N ILE A 399 -19.68 2.32 18.26
CA ILE A 399 -18.57 3.26 18.03
C ILE A 399 -18.67 4.44 18.98
N LYS A 400 -19.87 5.06 19.09
CA LYS A 400 -20.02 6.24 19.93
C LYS A 400 -19.84 5.90 21.41
N ASN A 401 -20.10 4.65 21.80
CA ASN A 401 -19.92 4.25 23.19
C ASN A 401 -18.46 3.92 23.49
N LYS A 402 -17.69 3.44 22.52
CA LYS A 402 -16.37 2.90 22.77
C LYS A 402 -15.24 3.70 22.14
N LEU A 403 -15.54 4.70 21.31
CA LEU A 403 -14.48 5.51 20.72
C LEU A 403 -13.65 6.27 21.75
N PRO A 404 -14.20 6.81 22.83
CA PRO A 404 -13.33 7.42 23.86
C PRO A 404 -12.28 6.47 24.40
N SER A 405 -12.58 5.17 24.51
CA SER A 405 -11.58 4.22 24.95
C SER A 405 -10.44 4.13 23.95
N LEU A 406 -10.75 4.16 22.66
CA LEU A 406 -9.70 4.15 21.64
C LEU A 406 -8.85 5.40 21.72
N ARG A 407 -9.46 6.56 22.00
CA ARG A 407 -8.69 7.79 22.15
C ARG A 407 -7.72 7.68 23.31
N LYS A 408 -8.17 7.11 24.45
CA LYS A 408 -7.31 7.07 25.62
C LYS A 408 -6.21 6.02 25.49
N ILE A 409 -6.46 4.95 24.73
CA ILE A 409 -5.40 3.97 24.46
C ILE A 409 -4.32 4.60 23.59
N VAL A 410 -4.73 5.28 22.52
CA VAL A 410 -3.76 5.96 21.66
C VAL A 410 -3.04 7.05 22.43
N LEU A 411 -3.76 7.79 23.28
CA LEU A 411 -3.14 8.84 24.08
C LEU A 411 -2.08 8.27 25.02
N MET A 412 -2.40 7.16 25.70
CA MET A 412 -1.47 6.63 26.69
C MET A 412 -0.24 6.01 26.03
N ALA A 413 -0.43 5.29 24.92
CA ALA A 413 0.72 4.73 24.23
C ALA A 413 1.57 5.82 23.60
N THR A 414 0.93 6.84 23.03
CA THR A 414 1.66 7.96 22.44
C THR A 414 2.58 8.62 23.48
N LYS A 415 2.05 8.86 24.69
CA LYS A 415 2.83 9.55 25.72
C LYS A 415 4.05 8.73 26.14
N TYR A 416 3.91 7.39 26.21
CA TYR A 416 4.99 6.53 26.64
C TYR A 416 5.77 5.95 25.46
N SER A 417 5.62 6.53 24.27
CA SER A 417 6.47 6.22 23.11
C SER A 417 6.38 4.74 22.74
N ILE A 418 5.19 4.18 22.81
CA ILE A 418 4.91 2.82 22.37
C ILE A 418 4.21 2.90 21.01
N PRO A 419 4.74 2.26 19.97
CA PRO A 419 4.11 2.39 18.65
C PRO A 419 3.00 1.37 18.43
N ILE A 420 1.78 1.87 18.15
CA ILE A 420 0.66 1.02 17.82
C ILE A 420 0.03 1.55 16.53
N PRO A 421 0.68 1.35 15.38
CA PRO A 421 0.17 1.96 14.14
C PRO A 421 -1.24 1.53 13.77
N ALA A 422 -1.59 0.27 14.02
CA ALA A 422 -2.93 -0.19 13.68
C ALA A 422 -4.00 0.51 14.52
N PHE A 423 -3.71 0.74 15.80
CA PHE A 423 -4.63 1.49 16.65
C PHE A 423 -4.71 2.94 16.20
N SER A 424 -3.56 3.57 15.93
CA SER A 424 -3.55 4.95 15.50
C SER A 424 -4.23 5.13 14.14
N ALA A 425 -3.93 4.24 13.19
CA ALA A 425 -4.57 4.34 11.88
C ALA A 425 -6.07 4.12 11.96
N SER A 426 -6.50 3.16 12.78
CA SER A 426 -7.93 2.87 12.89
C SER A 426 -8.71 4.09 13.38
N LEU A 427 -8.19 4.80 14.39
CA LEU A 427 -8.89 5.98 14.87
C LEU A 427 -8.68 7.16 13.93
N ALA A 428 -7.52 7.21 13.25
CA ALA A 428 -7.32 8.21 12.21
C ALA A 428 -8.29 7.99 11.06
N TYR A 429 -8.48 6.73 10.65
CA TYR A 429 -9.40 6.42 9.56
C TYR A 429 -10.82 6.87 9.89
N PHE A 430 -11.26 6.62 11.13
CA PHE A 430 -12.61 6.99 11.52
C PHE A 430 -12.81 8.50 11.51
N GLN A 431 -11.82 9.25 11.99
CA GLN A 431 -11.97 10.69 12.10
C GLN A 431 -11.99 11.36 10.73
N MET A 432 -11.39 10.75 9.71
CA MET A 432 -11.40 11.33 8.37
C MET A 432 -12.62 10.92 7.57
N VAL A 433 -13.05 9.67 7.67
CA VAL A 433 -14.25 9.22 6.96
C VAL A 433 -15.47 9.95 7.47
N THR A 434 -15.49 10.38 8.73
CA THR A 434 -16.64 11.02 9.33
C THR A 434 -16.54 12.54 9.35
N SER A 435 -15.61 13.11 8.59
CA SER A 435 -15.42 14.56 8.54
C SER A 435 -15.80 15.04 7.15
N GLN A 436 -16.73 16.00 7.10
CA GLN A 436 -17.18 16.53 5.81
C GLN A 436 -16.09 17.34 5.12
N ASN A 437 -15.32 18.11 5.89
CA ASN A 437 -14.29 18.99 5.33
C ASN A 437 -12.93 18.49 5.80
N LEU A 438 -12.05 18.21 4.83
CA LEU A 438 -10.69 17.75 5.06
C LEU A 438 -9.70 18.72 4.45
N PRO A 439 -8.45 18.73 4.92
CA PRO A 439 -7.49 19.73 4.43
C PRO A 439 -7.00 19.52 3.01
N LEU A 440 -7.77 18.86 2.15
CA LEU A 440 -7.33 18.70 0.77
C LEU A 440 -7.73 19.88 -0.11
N ASN A 441 -8.34 20.92 0.46
CA ASN A 441 -8.43 22.18 -0.25
C ASN A 441 -7.05 22.81 -0.43
N LEU A 442 -6.21 22.72 0.60
CA LEU A 442 -4.83 23.20 0.48
C LEU A 442 -4.03 22.37 -0.51
N VAL A 443 -4.30 21.07 -0.59
CA VAL A 443 -3.61 20.22 -1.55
C VAL A 443 -4.05 20.58 -2.97
N GLN A 444 -5.35 20.70 -3.19
CA GLN A 444 -5.84 21.11 -4.51
C GLN A 444 -5.32 22.49 -4.88
N ALA A 445 -5.22 23.39 -3.90
CA ALA A 445 -4.65 24.71 -4.16
C ALA A 445 -3.17 24.61 -4.49
N GLN A 446 -2.46 23.67 -3.85
CA GLN A 446 -1.04 23.50 -4.16
C GLN A 446 -0.84 22.95 -5.57
N ARG A 447 -1.63 21.95 -5.96
CA ARG A 447 -1.47 21.35 -7.27
C ARG A 447 -1.74 22.33 -8.39
N ASP A 448 -2.71 23.24 -8.19
CA ASP A 448 -3.00 24.27 -9.18
C ASP A 448 -1.86 25.29 -9.27
N TYR A 449 -1.12 25.48 -8.18
CA TYR A 449 -0.03 26.45 -8.17
C TYR A 449 1.07 26.05 -9.15
N PHE A 450 1.64 24.85 -8.98
CA PHE A 450 2.80 24.46 -9.76
C PHE A 450 2.47 23.67 -11.01
N GLY A 451 1.29 23.04 -11.07
CA GLY A 451 1.00 22.15 -12.18
C GLY A 451 -0.21 22.51 -13.02
N SER A 452 -0.97 23.52 -12.59
CA SER A 452 -2.19 23.94 -13.30
C SER A 452 -3.16 22.78 -13.45
N HIS A 453 -3.29 21.98 -12.39
CA HIS A 453 -4.22 20.86 -12.37
C HIS A 453 -5.67 21.30 -12.24
N THR A 454 -5.92 22.60 -12.05
CA THR A 454 -7.25 23.17 -11.83
C THR A 454 -7.88 22.64 -10.55
N TYR A 455 -8.87 23.35 -10.04
CA TYR A 455 -9.58 22.97 -8.83
C TYR A 455 -11.06 23.29 -8.99
N ARG A 456 -11.88 22.72 -8.11
CA ARG A 456 -13.30 22.96 -8.11
C ARG A 456 -13.65 23.83 -6.90
N ARG A 457 -14.77 24.54 -6.98
CA ARG A 457 -15.13 25.47 -5.92
C ARG A 457 -16.35 24.98 -5.15
N THR A 458 -16.45 25.49 -3.91
CA THR A 458 -17.61 25.25 -3.07
C THR A 458 -18.90 25.70 -3.75
N ASP A 459 -18.95 26.95 -4.19
CA ASP A 459 -20.21 27.64 -4.45
C ASP A 459 -20.61 27.63 -5.92
N ARG A 460 -19.86 26.98 -6.80
CA ARG A 460 -20.18 27.05 -8.22
C ARG A 460 -19.60 25.82 -8.90
N GLU A 461 -20.13 25.51 -10.07
CA GLU A 461 -19.60 24.40 -10.86
C GLU A 461 -18.47 24.88 -11.77
N GLY A 462 -17.84 23.92 -12.45
CA GLY A 462 -16.74 24.19 -13.34
C GLY A 462 -15.39 24.03 -12.66
N ASN A 463 -14.36 23.89 -13.49
CA ASN A 463 -12.99 23.80 -13.03
C ASN A 463 -12.30 25.14 -13.24
N TYR A 464 -11.56 25.60 -12.23
CA TYR A 464 -10.98 26.93 -12.24
C TYR A 464 -9.48 26.87 -12.01
N HIS A 465 -8.78 27.85 -12.55
CA HIS A 465 -7.34 28.02 -12.34
C HIS A 465 -7.06 29.49 -12.05
N THR A 466 -6.16 29.75 -11.09
CA THR A 466 -5.86 31.09 -10.63
C THR A 466 -4.35 31.32 -10.58
N LEU A 467 -3.94 32.53 -10.94
CA LEU A 467 -2.56 33.00 -10.75
C LEU A 467 -2.42 33.54 -9.34
N TRP A 468 -1.81 32.75 -8.45
CA TRP A 468 -1.72 33.08 -7.04
C TRP A 468 -0.73 34.21 -6.74
N CYS B 2 20.93 21.15 -37.44
CA CYS B 2 20.30 21.10 -36.12
C CYS B 2 21.07 20.15 -35.18
N ASP B 3 21.06 20.42 -33.88
CA ASP B 3 21.75 19.57 -32.90
C ASP B 3 20.86 18.51 -32.26
N ILE B 4 19.61 18.82 -31.99
CA ILE B 4 18.72 17.84 -31.38
C ILE B 4 17.34 17.99 -31.99
N GLY B 5 16.64 16.87 -32.08
CA GLY B 5 15.28 16.84 -32.57
C GLY B 5 14.35 16.40 -31.46
N LEU B 6 13.11 16.86 -31.54
CA LEU B 6 12.11 16.51 -30.54
C LEU B 6 10.74 16.35 -31.20
N ILE B 7 10.22 15.13 -31.07
CA ILE B 7 9.12 14.60 -31.85
C ILE B 7 7.76 14.75 -31.19
N GLY B 8 7.70 14.88 -29.87
CA GLY B 8 6.44 15.12 -29.22
C GLY B 8 6.54 16.18 -28.14
N LEU B 9 6.12 17.39 -28.43
CA LEU B 9 6.30 18.45 -27.45
C LEU B 9 5.07 18.72 -26.63
N ALA B 10 3.90 18.60 -27.25
CA ALA B 10 2.68 18.68 -26.45
C ALA B 10 2.65 20.07 -25.84
N VAL B 11 2.08 20.20 -24.65
CA VAL B 11 2.17 21.47 -23.94
C VAL B 11 3.51 21.65 -23.23
N MET B 12 4.28 20.58 -23.03
CA MET B 12 5.48 20.57 -22.20
C MET B 12 6.78 20.75 -22.98
N GLY B 13 6.94 20.08 -24.13
CA GLY B 13 8.13 20.26 -24.94
C GLY B 13 8.13 21.61 -25.62
N GLN B 14 6.95 22.17 -25.86
CA GLN B 14 6.78 23.55 -26.27
C GLN B 14 7.79 24.46 -25.53
N ASN B 15 7.73 24.48 -24.20
CA ASN B 15 8.56 25.41 -23.44
C ASN B 15 10.01 24.92 -23.34
N LEU B 16 10.25 23.63 -23.56
CA LEU B 16 11.63 23.11 -23.53
C LEU B 16 12.46 23.63 -24.70
N SER B 17 11.85 23.82 -25.87
CA SER B 17 12.57 24.34 -27.02
C SER B 17 13.06 25.77 -26.79
N LEU B 18 12.27 26.58 -26.09
CA LEU B 18 12.66 27.97 -25.86
C LEU B 18 13.95 28.07 -25.05
N ASN B 19 14.12 27.21 -24.05
CA ASN B 19 15.35 27.20 -23.27
C ASN B 19 16.52 26.68 -24.07
N ILE B 20 16.33 25.55 -24.77
CA ILE B 20 17.45 24.88 -25.43
C ILE B 20 18.11 25.80 -26.45
N SER B 21 17.29 26.59 -27.17
CA SER B 21 17.84 27.55 -28.12
C SER B 21 18.46 28.75 -27.44
N SER B 22 18.02 29.09 -26.23
CA SER B 22 18.61 30.23 -25.56
C SER B 22 20.07 29.98 -25.27
N LYS B 23 20.50 28.73 -25.29
CA LYS B 23 21.91 28.54 -24.95
C LYS B 23 22.75 27.93 -26.06
N GLY B 24 22.55 28.46 -27.27
CA GLY B 24 23.41 28.19 -28.41
C GLY B 24 23.08 26.95 -29.17
N PHE B 25 22.03 26.24 -28.82
CA PHE B 25 21.66 25.05 -29.57
C PHE B 25 20.41 25.30 -30.41
N LYS B 26 20.18 24.37 -31.35
CA LYS B 26 19.08 24.46 -32.29
C LYS B 26 18.28 23.16 -32.24
N ILE B 27 16.96 23.31 -32.35
CA ILE B 27 16.04 22.21 -32.09
C ILE B 27 15.12 22.01 -33.29
N GLY B 28 14.87 20.73 -33.63
CA GLY B 28 13.78 20.37 -34.52
C GLY B 28 12.62 19.86 -33.70
N VAL B 29 11.42 19.94 -34.28
CA VAL B 29 10.15 19.81 -33.54
C VAL B 29 9.07 19.22 -34.43
N TYR B 30 8.17 18.42 -33.82
CA TYR B 30 7.10 17.69 -34.48
C TYR B 30 6.00 17.48 -33.43
N ASN B 31 4.74 17.63 -33.86
CA ASN B 31 3.57 17.25 -33.07
C ASN B 31 2.57 16.51 -33.95
N ARG B 32 1.77 15.66 -33.30
CA ARG B 32 0.68 14.96 -33.98
C ARG B 32 -0.24 15.95 -34.68
N THR B 33 -0.70 16.95 -33.94
CA THR B 33 -1.48 18.06 -34.46
C THR B 33 -0.58 19.29 -34.54
N TYR B 34 -0.64 20.02 -35.66
CA TYR B 34 0.30 21.10 -35.94
C TYR B 34 -0.24 22.45 -35.45
N GLU B 35 -1.42 22.51 -34.84
CA GLU B 35 -1.77 23.79 -34.24
C GLU B 35 -0.82 24.15 -33.12
N ARG B 36 -0.33 23.15 -32.36
CA ARG B 36 0.63 23.41 -31.28
C ARG B 36 2.07 23.55 -31.76
N THR B 37 2.48 22.84 -32.82
CA THR B 37 3.76 23.18 -33.40
C THR B 37 3.74 24.56 -34.05
N GLU B 38 2.58 24.99 -34.55
CA GLU B 38 2.38 26.35 -35.01
C GLU B 38 2.55 27.33 -33.87
N GLU B 39 1.93 27.04 -32.71
CA GLU B 39 1.98 27.96 -31.58
C GLU B 39 3.39 28.06 -31.01
N THR B 40 4.17 27.00 -31.15
CA THR B 40 5.51 26.96 -30.57
C THR B 40 6.42 27.96 -31.26
N MET B 41 6.44 27.96 -32.60
CA MET B 41 7.25 28.91 -33.34
C MET B 41 6.81 30.35 -33.12
N LYS B 42 5.52 30.57 -32.87
CA LYS B 42 5.06 31.92 -32.60
C LYS B 42 5.71 32.47 -31.34
N ARG B 43 5.76 31.66 -30.28
CA ARG B 43 6.46 32.10 -29.07
C ARG B 43 7.97 32.07 -29.23
N ALA B 44 8.49 31.26 -30.17
CA ALA B 44 9.93 31.25 -30.40
C ALA B 44 10.40 32.59 -30.98
N LYS B 45 9.77 33.04 -32.06
CA LYS B 45 10.15 34.32 -32.66
C LYS B 45 9.74 35.50 -31.81
N GLU B 46 8.79 35.32 -30.88
CA GLU B 46 8.48 36.37 -29.93
C GLU B 46 9.67 36.60 -29.01
N GLU B 47 10.25 35.53 -28.47
CA GLU B 47 11.40 35.59 -27.57
C GLU B 47 12.73 35.69 -28.31
N ASN B 48 12.71 35.93 -29.63
CA ASN B 48 13.90 36.14 -30.46
C ASN B 48 14.85 34.94 -30.49
N LEU B 49 14.33 33.80 -30.96
CA LEU B 49 15.13 32.62 -31.28
C LEU B 49 14.49 31.88 -32.44
N VAL B 50 15.32 31.09 -33.13
CA VAL B 50 14.94 30.35 -34.33
C VAL B 50 14.75 28.88 -33.98
N VAL B 51 13.60 28.33 -34.34
CA VAL B 51 13.24 26.93 -34.08
C VAL B 51 12.65 26.32 -35.34
N TYR B 52 13.07 25.10 -35.67
CA TYR B 52 12.62 24.40 -36.87
C TYR B 52 11.31 23.64 -36.62
N GLY B 53 10.36 23.80 -37.52
CA GLY B 53 9.07 23.15 -37.42
C GLY B 53 8.88 22.15 -38.59
N TYR B 54 8.29 21.01 -38.28
CA TYR B 54 8.08 19.96 -39.27
C TYR B 54 6.71 19.33 -39.08
N LYS B 55 6.18 18.75 -40.16
CA LYS B 55 4.87 18.13 -40.17
C LYS B 55 4.90 16.61 -40.25
N THR B 56 5.81 16.02 -41.03
CA THR B 56 5.99 14.57 -41.01
C THR B 56 7.22 14.19 -40.17
N VAL B 57 7.20 12.96 -39.67
CA VAL B 57 8.31 12.44 -38.88
C VAL B 57 9.55 12.17 -39.73
N GLU B 58 9.38 11.99 -41.04
CA GLU B 58 10.51 11.62 -41.88
C GLU B 58 11.45 12.78 -42.14
N GLU B 59 10.91 13.98 -42.39
CA GLU B 59 11.74 15.13 -42.72
C GLU B 59 12.61 15.60 -41.56
N LEU B 60 12.12 15.45 -40.32
CA LEU B 60 12.83 16.00 -39.16
C LEU B 60 14.00 15.14 -38.71
N ILE B 61 13.92 13.83 -38.90
CA ILE B 61 14.99 12.93 -38.47
C ILE B 61 16.31 13.22 -39.19
N ASN B 62 16.24 13.56 -40.46
CA ASN B 62 17.42 13.70 -41.30
C ASN B 62 18.16 15.03 -41.17
N ASN B 63 17.70 15.97 -40.35
CA ASN B 63 18.27 17.30 -40.30
C ASN B 63 19.23 17.52 -39.12
N LEU B 64 19.73 16.45 -38.51
CA LEU B 64 20.70 16.53 -37.43
C LEU B 64 22.01 15.85 -37.82
N LYS B 65 23.08 16.25 -37.13
CA LYS B 65 24.41 15.70 -37.35
C LYS B 65 24.56 14.38 -36.61
N LYS B 66 25.39 13.51 -37.18
CA LYS B 66 25.54 12.15 -36.66
C LYS B 66 26.37 12.15 -35.38
N PRO B 67 26.03 11.29 -34.39
CA PRO B 67 24.86 10.39 -34.38
C PRO B 67 23.55 11.11 -34.03
N ARG B 68 22.49 10.86 -34.80
CA ARG B 68 21.22 11.55 -34.63
C ARG B 68 20.51 11.10 -33.36
N LYS B 69 20.06 12.08 -32.57
CA LYS B 69 19.43 11.81 -31.28
C LYS B 69 18.02 12.40 -31.26
N VAL B 70 17.05 11.59 -30.83
CA VAL B 70 15.64 11.96 -30.87
C VAL B 70 15.07 11.89 -29.46
N ILE B 71 14.25 12.88 -29.12
CA ILE B 71 13.65 12.98 -27.81
C ILE B 71 12.14 12.83 -28.00
N LEU B 72 11.49 12.02 -27.15
CA LEU B 72 10.03 11.93 -27.17
C LEU B 72 9.45 12.43 -25.85
N LEU B 73 8.44 13.29 -25.92
CA LEU B 73 7.72 13.80 -24.75
C LEU B 73 6.21 13.73 -24.97
N ILE B 74 5.72 12.58 -25.44
CA ILE B 74 4.29 12.36 -25.62
C ILE B 74 3.79 11.47 -24.48
N LYS B 75 2.49 11.55 -24.20
CA LYS B 75 1.95 10.93 -23.00
C LYS B 75 1.95 9.41 -23.11
N ALA B 76 1.97 8.77 -21.93
CA ALA B 76 2.07 7.32 -21.82
C ALA B 76 0.83 6.67 -22.42
N GLY B 77 1.04 5.66 -23.24
CA GLY B 77 -0.04 4.94 -23.87
C GLY B 77 0.47 4.03 -24.96
N PRO B 78 -0.45 3.33 -25.63
CA PRO B 78 -0.05 2.47 -26.75
C PRO B 78 0.54 3.22 -27.92
N ALA B 79 0.25 4.51 -28.04
CA ALA B 79 0.80 5.27 -29.15
C ALA B 79 2.32 5.37 -29.08
N VAL B 80 2.88 5.46 -27.87
CA VAL B 80 4.33 5.64 -27.73
C VAL B 80 5.08 4.39 -28.14
N ASP B 81 4.53 3.19 -27.85
CA ASP B 81 5.34 1.99 -27.98
C ASP B 81 5.34 1.41 -29.39
N GLU B 82 4.22 1.47 -30.11
CA GLU B 82 4.30 1.10 -31.51
C GLU B 82 4.84 2.26 -32.35
N ASN B 83 4.78 3.48 -31.81
CA ASN B 83 5.57 4.57 -32.40
C ASN B 83 7.03 4.19 -32.37
N ILE B 84 7.51 3.64 -31.25
CA ILE B 84 8.88 3.16 -31.13
C ILE B 84 9.16 2.10 -32.18
N SER B 85 8.14 1.34 -32.59
CA SER B 85 8.32 0.53 -33.79
C SER B 85 8.53 1.44 -35.00
N ASN B 86 7.83 2.58 -35.06
CA ASN B 86 7.93 3.45 -36.23
C ASN B 86 9.14 4.38 -36.22
N ILE B 87 9.62 4.84 -35.06
CA ILE B 87 10.86 5.62 -35.08
C ILE B 87 12.05 4.74 -35.45
N LEU B 88 12.00 3.44 -35.09
CA LEU B 88 13.09 2.54 -35.44
C LEU B 88 13.28 2.47 -36.95
N LYS B 89 12.22 2.80 -37.69
CA LYS B 89 12.26 2.72 -39.15
C LYS B 89 13.32 3.65 -39.74
N HIS B 90 13.36 4.92 -39.31
CA HIS B 90 14.31 5.86 -39.91
C HIS B 90 15.66 5.92 -39.21
N PHE B 91 15.73 5.46 -37.97
CA PHE B 91 16.94 5.53 -37.17
C PHE B 91 17.85 4.34 -37.43
N GLU B 92 19.15 4.61 -37.46
CA GLU B 92 20.15 3.55 -37.55
C GLU B 92 21.03 3.58 -36.31
N LYS B 93 21.94 2.61 -36.27
CA LYS B 93 22.80 2.35 -35.12
C LYS B 93 23.58 3.58 -34.68
N GLY B 94 23.69 3.74 -33.35
CA GLY B 94 24.36 4.86 -32.74
C GLY B 94 23.44 6.02 -32.45
N ASP B 95 22.19 5.93 -32.88
CA ASP B 95 21.21 6.96 -32.59
C ASP B 95 20.71 6.79 -31.17
N ILE B 96 20.35 7.93 -30.58
CA ILE B 96 20.06 8.08 -29.15
C ILE B 96 18.57 8.42 -29.04
N ILE B 97 17.78 7.58 -28.37
CA ILE B 97 16.37 7.92 -28.17
C ILE B 97 16.13 8.15 -26.68
N ILE B 98 15.59 9.32 -26.33
CA ILE B 98 15.38 9.71 -24.93
C ILE B 98 13.90 9.94 -24.69
N ASP B 99 13.29 9.12 -23.86
CA ASP B 99 11.91 9.32 -23.45
C ASP B 99 11.92 10.21 -22.21
N GLY B 100 11.27 11.37 -22.32
CA GLY B 100 11.17 12.30 -21.23
C GLY B 100 9.84 12.31 -20.50
N GLY B 101 8.88 11.50 -20.94
CA GLY B 101 7.59 11.47 -20.29
C GLY B 101 7.62 10.68 -18.99
N ASN B 102 6.70 11.01 -18.10
CA ASN B 102 6.57 10.32 -16.83
C ASN B 102 5.97 8.95 -17.11
N GLU B 103 6.82 7.93 -17.17
CA GLU B 103 6.40 6.60 -17.58
C GLU B 103 6.69 5.57 -16.49
N TRP B 104 5.81 4.58 -16.40
CA TRP B 104 6.02 3.43 -15.52
C TRP B 104 7.33 2.74 -15.88
N TYR B 105 8.18 2.52 -14.87
CA TYR B 105 9.54 2.08 -15.15
C TYR B 105 9.59 0.71 -15.80
N ILE B 106 8.64 -0.17 -15.47
CA ILE B 106 8.61 -1.48 -16.12
C ILE B 106 8.25 -1.33 -17.59
N ASN B 107 7.36 -0.39 -17.92
CA ASN B 107 7.05 -0.13 -19.33
C ASN B 107 8.30 0.26 -20.10
N SER B 108 9.19 1.04 -19.48
CA SER B 108 10.43 1.42 -20.14
C SER B 108 11.34 0.22 -20.32
N GLU B 109 11.55 -0.55 -19.24
CA GLU B 109 12.44 -1.73 -19.29
C GLU B 109 12.17 -2.61 -20.50
N ARG B 110 10.93 -2.65 -21.00
CA ARG B 110 10.65 -3.40 -22.22
C ARG B 110 11.33 -2.75 -23.43
N ARG B 111 11.39 -1.41 -23.45
CA ARG B 111 11.84 -0.72 -24.64
C ARG B 111 13.36 -0.56 -24.70
N ILE B 112 14.03 -0.38 -23.56
CA ILE B 112 15.50 -0.39 -23.55
C ILE B 112 16.05 -1.69 -24.13
N LYS B 113 15.44 -2.82 -23.76
CA LYS B 113 15.96 -4.09 -24.26
C LYS B 113 15.50 -4.36 -25.67
N LEU B 114 14.30 -3.88 -26.03
CA LEU B 114 13.85 -3.95 -27.42
C LEU B 114 14.75 -3.13 -28.32
N CYS B 115 15.18 -1.96 -27.86
CA CYS B 115 16.00 -1.10 -28.69
C CYS B 115 17.43 -1.63 -28.77
N LYS B 116 17.92 -2.28 -27.71
CA LYS B 116 19.25 -2.88 -27.79
C LYS B 116 19.25 -4.13 -28.66
N GLU B 117 18.08 -4.66 -29.00
CA GLU B 117 17.91 -5.68 -30.03
C GLU B 117 18.04 -5.12 -31.44
N LYS B 118 18.19 -3.79 -31.58
CA LYS B 118 18.48 -3.14 -32.85
C LYS B 118 19.77 -2.33 -32.77
N ASP B 119 20.54 -2.49 -31.70
CA ASP B 119 21.68 -1.66 -31.37
C ASP B 119 21.34 -0.17 -31.49
N VAL B 120 20.18 0.20 -30.97
CA VAL B 120 19.87 1.59 -30.66
C VAL B 120 19.71 1.69 -29.14
N GLU B 121 20.55 2.49 -28.50
CA GLU B 121 20.54 2.57 -27.05
C GLU B 121 19.55 3.62 -26.58
N TYR B 122 18.87 3.31 -25.48
CA TYR B 122 17.66 3.98 -25.03
C TYR B 122 17.93 4.63 -23.68
N LEU B 123 17.41 5.85 -23.50
CA LEU B 123 17.59 6.59 -22.25
C LEU B 123 16.22 6.97 -21.69
N ALA B 124 15.82 6.30 -20.62
CA ALA B 124 14.59 6.64 -19.90
C ALA B 124 14.94 7.74 -18.91
N MET B 125 14.56 8.98 -19.22
CA MET B 125 14.93 10.15 -18.43
C MET B 125 13.67 10.80 -17.88
N GLY B 126 13.57 10.86 -16.56
CA GLY B 126 12.48 11.61 -15.93
C GLY B 126 12.78 13.10 -15.88
N VAL B 127 11.78 13.89 -16.22
CA VAL B 127 11.89 15.35 -16.23
C VAL B 127 10.90 15.92 -15.23
N SER B 128 11.34 16.92 -14.47
CA SER B 128 10.50 17.57 -13.47
C SER B 128 10.75 19.08 -13.51
N GLY B 129 9.74 19.84 -13.09
CA GLY B 129 9.80 21.29 -13.16
C GLY B 129 8.61 21.92 -13.82
N GLY B 130 7.74 21.10 -14.42
CA GLY B 130 6.66 21.67 -15.19
C GLY B 130 7.27 22.34 -16.42
N GLU B 131 6.61 23.39 -16.89
CA GLU B 131 7.10 24.13 -18.05
C GLU B 131 7.83 25.40 -17.67
N ALA B 132 7.82 25.75 -16.38
CA ALA B 132 8.80 26.70 -15.87
C ALA B 132 10.19 26.07 -15.86
N GLY B 133 10.29 24.83 -15.40
CA GLY B 133 11.55 24.13 -15.51
C GLY B 133 12.04 24.04 -16.94
N ALA B 134 11.11 23.94 -17.89
CA ALA B 134 11.49 23.96 -19.29
C ALA B 134 12.22 25.25 -19.64
N ARG B 135 11.60 26.40 -19.39
CA ARG B 135 12.17 27.68 -19.83
C ARG B 135 13.45 28.03 -19.08
N TYR B 136 13.49 27.78 -17.77
CA TYR B 136 14.61 28.24 -16.95
C TYR B 136 15.43 27.14 -16.31
N GLY B 137 14.90 25.94 -16.14
CA GLY B 137 15.71 24.92 -15.49
C GLY B 137 15.00 23.71 -14.96
N CYS B 138 15.26 22.55 -15.54
CA CYS B 138 14.61 21.32 -15.13
C CYS B 138 15.50 20.56 -14.16
N SER B 139 15.03 19.38 -13.77
CA SER B 139 15.81 18.41 -13.02
C SER B 139 15.88 17.17 -13.92
N PHE B 140 17.03 16.96 -14.57
CA PHE B 140 17.17 15.85 -15.49
C PHE B 140 17.66 14.62 -14.74
N MET B 141 17.01 13.49 -15.01
CA MET B 141 17.35 12.21 -14.38
C MET B 141 17.48 11.15 -15.47
N PRO B 142 18.52 11.23 -16.30
CA PRO B 142 18.67 10.25 -17.37
C PRO B 142 19.28 8.95 -16.87
N GLY B 143 18.69 7.82 -17.29
CA GLY B 143 19.22 6.53 -16.94
C GLY B 143 19.11 5.55 -18.09
N GLY B 144 19.97 4.53 -18.04
CA GLY B 144 20.05 3.49 -19.05
C GLY B 144 21.44 3.30 -19.61
N SER B 145 21.64 3.53 -20.90
CA SER B 145 22.95 3.36 -21.51
C SER B 145 23.80 4.61 -21.28
N LYS B 146 24.95 4.42 -20.60
CA LYS B 146 25.88 5.52 -20.40
C LYS B 146 26.38 6.11 -21.71
N TYR B 147 26.53 5.27 -22.74
CA TYR B 147 26.89 5.78 -24.06
C TYR B 147 25.85 6.77 -24.56
N ALA B 148 24.56 6.43 -24.41
CA ALA B 148 23.53 7.34 -24.91
C ALA B 148 23.46 8.62 -24.09
N TYR B 149 23.68 8.53 -22.79
CA TYR B 149 23.78 9.74 -21.97
C TYR B 149 24.98 10.58 -22.41
N ASP B 150 26.00 9.95 -22.97
CA ASP B 150 27.21 10.66 -23.37
C ASP B 150 26.98 11.61 -24.55
N CYS B 151 26.07 11.34 -25.46
CA CYS B 151 25.99 12.30 -26.57
C CYS B 151 25.13 13.54 -26.26
N VAL B 152 24.25 13.47 -25.27
CA VAL B 152 23.36 14.59 -24.94
C VAL B 152 23.76 15.27 -23.66
N LYS B 153 24.79 14.77 -23.00
CA LYS B 153 25.21 15.18 -21.66
C LYS B 153 25.28 16.70 -21.47
N GLU B 154 25.98 17.39 -22.38
CA GLU B 154 26.19 18.82 -22.18
C GLU B 154 24.91 19.59 -22.39
N ILE B 155 24.04 19.11 -23.28
CA ILE B 155 22.74 19.75 -23.50
C ILE B 155 21.94 19.77 -22.21
N LEU B 156 21.97 18.66 -21.46
CA LEU B 156 21.24 18.61 -20.20
C LEU B 156 21.93 19.43 -19.11
N GLU B 157 23.27 19.43 -19.10
CA GLU B 157 23.99 20.10 -18.02
C GLU B 157 23.74 21.60 -18.00
N LYS B 158 23.54 22.23 -19.15
CA LYS B 158 23.38 23.68 -19.23
C LYS B 158 21.93 24.11 -19.35
N CYS B 159 20.98 23.18 -19.46
CA CYS B 159 19.57 23.53 -19.59
C CYS B 159 18.72 23.15 -18.37
N SER B 160 19.31 22.53 -17.36
CA SER B 160 18.58 22.16 -16.16
C SER B 160 18.59 23.33 -15.18
N ALA B 161 17.95 23.14 -14.02
CA ALA B 161 18.06 24.14 -12.98
C ALA B 161 19.44 24.02 -12.34
N GLN B 162 20.25 25.06 -12.48
CA GLN B 162 21.63 25.02 -12.04
C GLN B 162 21.74 25.77 -10.71
N VAL B 163 22.11 25.05 -9.65
CA VAL B 163 22.36 25.68 -8.35
C VAL B 163 23.83 26.11 -8.34
N GLY B 164 24.06 27.37 -8.67
CA GLY B 164 25.41 27.86 -8.90
C GLY B 164 26.00 27.29 -10.17
N ASN B 165 27.17 26.65 -10.14
CA ASN B 165 27.66 26.12 -11.41
C ASN B 165 27.42 24.60 -11.49
N SER B 166 27.26 23.90 -10.35
CA SER B 166 27.14 22.44 -10.30
C SER B 166 25.76 22.04 -10.82
N PRO B 167 25.70 21.35 -11.96
CA PRO B 167 24.41 21.03 -12.58
C PRO B 167 23.56 20.00 -11.85
N CYS B 168 22.25 20.18 -11.95
CA CYS B 168 21.27 19.23 -11.44
C CYS B 168 20.98 18.14 -12.47
N VAL B 169 22.05 17.53 -12.99
CA VAL B 169 21.97 16.42 -13.92
C VAL B 169 23.02 15.40 -13.50
N THR B 170 22.68 14.13 -13.63
CA THR B 170 23.62 13.07 -13.29
C THR B 170 23.20 11.82 -14.06
N TYR B 171 24.19 10.98 -14.39
CA TYR B 171 23.85 9.65 -14.89
C TYR B 171 23.27 8.87 -13.73
N ILE B 172 21.96 8.67 -13.75
CA ILE B 172 21.28 8.04 -12.62
C ILE B 172 21.77 6.61 -12.44
N GLY B 173 21.79 5.84 -13.53
CA GLY B 173 22.21 4.47 -13.50
C GLY B 173 21.73 3.76 -14.75
N PRO B 174 21.80 2.44 -14.76
CA PRO B 174 21.39 1.67 -15.93
C PRO B 174 19.87 1.50 -15.97
N GLY B 175 19.40 0.98 -17.10
CA GLY B 175 18.00 0.60 -17.23
C GLY B 175 17.06 1.78 -17.06
N SER B 176 15.92 1.51 -16.40
CA SER B 176 14.89 2.52 -16.16
C SER B 176 15.09 3.25 -14.85
N SER B 177 16.32 3.37 -14.37
CA SER B 177 16.56 4.01 -13.09
C SER B 177 16.13 5.48 -13.11
N GLY B 178 16.19 6.12 -14.28
CA GLY B 178 15.80 7.52 -14.36
C GLY B 178 14.34 7.74 -14.01
N ASN B 179 13.45 6.88 -14.52
CA ASN B 179 12.03 7.01 -14.23
C ASN B 179 11.71 6.68 -12.78
N TYR B 180 12.46 5.76 -12.18
CA TYR B 180 12.19 5.37 -10.81
C TYR B 180 12.52 6.49 -9.82
N VAL B 181 13.63 7.20 -10.04
CA VAL B 181 13.93 8.39 -9.25
C VAL B 181 12.78 9.38 -9.33
N LYS B 182 12.32 9.69 -10.54
CA LYS B 182 11.26 10.66 -10.70
C LYS B 182 9.97 10.21 -10.00
N MET B 183 9.67 8.91 -10.07
CA MET B 183 8.50 8.38 -9.37
C MET B 183 8.64 8.50 -7.87
N VAL B 184 9.77 8.07 -7.33
CA VAL B 184 10.01 8.15 -5.89
C VAL B 184 10.08 9.59 -5.43
N HIS B 185 10.53 10.48 -6.31
CA HIS B 185 10.61 11.90 -5.96
C HIS B 185 9.25 12.47 -5.62
N ASN B 186 8.25 12.20 -6.47
CA ASN B 186 6.90 12.68 -6.23
C ASN B 186 6.19 11.90 -5.15
N GLY B 187 6.66 10.69 -4.84
CA GLY B 187 6.19 10.02 -3.64
C GLY B 187 6.49 10.82 -2.39
N ILE B 188 7.73 11.33 -2.29
CA ILE B 188 8.08 12.22 -1.19
C ILE B 188 7.32 13.53 -1.32
N GLU B 189 6.97 13.93 -2.54
CA GLU B 189 6.16 15.13 -2.73
C GLU B 189 4.74 14.95 -2.19
N TYR B 190 4.13 13.79 -2.46
CA TYR B 190 2.82 13.51 -1.91
C TYR B 190 2.84 13.53 -0.38
N GLY B 191 3.89 12.97 0.22
CA GLY B 191 3.99 12.94 1.67
C GLY B 191 4.28 14.30 2.27
N ASP B 192 5.07 15.12 1.59
CA ASP B 192 5.33 16.46 2.08
C ASP B 192 4.06 17.31 2.11
N MET B 193 3.22 17.18 1.08
CA MET B 193 1.97 17.92 1.05
C MET B 193 1.04 17.47 2.16
N GLN B 194 0.99 16.16 2.43
CA GLN B 194 0.12 15.67 3.49
C GLN B 194 0.58 16.15 4.85
N LEU B 195 1.89 16.16 5.09
CA LEU B 195 2.40 16.63 6.38
C LEU B 195 2.14 18.12 6.55
N ILE B 196 2.26 18.89 5.47
CA ILE B 196 1.97 20.33 5.55
C ILE B 196 0.47 20.55 5.77
N SER B 197 -0.37 19.81 5.05
CA SER B 197 -1.81 19.98 5.20
C SER B 197 -2.29 19.62 6.60
N GLU B 198 -1.60 18.68 7.26
CA GLU B 198 -1.95 18.34 8.64
C GLU B 198 -1.45 19.39 9.61
N SER B 199 -0.31 20.02 9.32
CA SER B 199 0.13 21.18 10.10
C SER B 199 -0.86 22.33 9.97
N TYR B 200 -1.45 22.49 8.78
CA TYR B 200 -2.38 23.59 8.54
C TYR B 200 -3.66 23.43 9.36
N VAL B 201 -4.15 22.20 9.50
CA VAL B 201 -5.40 21.98 10.24
C VAL B 201 -5.17 21.86 11.74
N ILE B 202 -3.95 21.54 12.16
CA ILE B 202 -3.65 21.55 13.60
C ILE B 202 -3.67 22.98 14.13
N MET B 203 -3.06 23.91 13.39
CA MET B 203 -3.07 25.31 13.83
C MET B 203 -4.45 25.92 13.72
N LYS B 204 -5.21 25.54 12.68
CA LYS B 204 -6.52 26.16 12.45
C LYS B 204 -7.55 25.73 13.48
N HIS B 205 -7.48 24.47 13.93
CA HIS B 205 -8.56 23.92 14.75
C HIS B 205 -8.18 23.71 16.21
N ILE B 206 -6.91 23.88 16.58
CA ILE B 206 -6.49 23.79 17.97
C ILE B 206 -6.03 25.15 18.49
N LEU B 207 -5.19 25.85 17.73
CA LEU B 207 -4.79 27.20 18.07
C LEU B 207 -5.70 28.26 17.47
N LYS B 208 -6.73 27.85 16.73
CA LYS B 208 -7.65 28.75 16.03
C LYS B 208 -6.91 29.88 15.31
N TYR B 209 -5.96 29.50 14.45
CA TYR B 209 -5.28 30.48 13.61
C TYR B 209 -6.13 30.81 12.40
N ASP B 210 -6.36 32.10 12.17
CA ASP B 210 -6.98 32.51 10.91
C ASP B 210 -5.98 32.36 9.77
N ASN B 211 -6.49 32.51 8.54
CA ASN B 211 -5.66 32.20 7.37
C ASN B 211 -4.47 33.14 7.26
N GLN B 212 -4.58 34.37 7.78
CA GLN B 212 -3.44 35.27 7.71
C GLN B 212 -2.36 34.87 8.71
N LYS B 213 -2.76 34.47 9.92
CA LYS B 213 -1.78 33.97 10.88
C LYS B 213 -1.08 32.72 10.36
N LEU B 214 -1.82 31.86 9.66
CA LEU B 214 -1.22 30.67 9.08
C LEU B 214 -0.19 31.03 8.01
N SER B 215 -0.51 32.01 7.17
CA SER B 215 0.44 32.44 6.13
C SER B 215 1.70 33.02 6.72
N GLU B 216 1.59 33.71 7.87
CA GLU B 216 2.78 34.30 8.49
C GLU B 216 3.69 33.23 9.07
N VAL B 217 3.11 32.23 9.74
CA VAL B 217 3.91 31.16 10.33
C VAL B 217 4.60 30.35 9.23
N PHE B 218 3.91 30.14 8.10
CA PHE B 218 4.53 29.42 6.99
C PHE B 218 5.61 30.27 6.32
N ASN B 219 5.39 31.59 6.23
CA ASN B 219 6.45 32.47 5.75
C ASN B 219 7.57 32.59 6.76
N LYS B 220 7.29 32.31 8.02
CA LYS B 220 8.32 32.33 9.06
C LYS B 220 9.01 30.96 9.19
N TRP B 221 8.36 29.91 8.72
CA TRP B 221 9.04 28.62 8.61
C TRP B 221 9.91 28.55 7.37
N ASN B 222 9.50 29.22 6.29
CA ASN B 222 10.31 29.24 5.07
C ASN B 222 11.64 29.96 5.26
N GLU B 223 11.74 30.84 6.26
CA GLU B 223 12.99 31.52 6.56
C GLU B 223 13.97 30.65 7.35
N GLY B 224 13.53 29.52 7.89
CA GLY B 224 14.37 28.72 8.75
C GLY B 224 14.73 27.37 8.15
N ILE B 225 14.74 26.33 8.99
CA ILE B 225 15.18 25.01 8.56
C ILE B 225 14.24 24.41 7.53
N LEU B 226 12.98 24.84 7.50
CA LEU B 226 12.00 24.32 6.55
C LEU B 226 11.90 25.19 5.30
N ASN B 227 13.00 25.82 4.89
CA ASN B 227 13.10 26.48 3.60
C ASN B 227 12.82 25.50 2.45
N SER B 228 11.65 25.63 1.82
CA SER B 228 11.27 24.76 0.72
C SER B 228 10.27 25.46 -0.18
N TYR B 229 10.09 24.91 -1.38
CA TYR B 229 9.15 25.48 -2.34
C TYR B 229 7.71 25.34 -1.88
N LEU B 230 7.35 24.18 -1.31
CA LEU B 230 5.97 23.96 -0.88
C LEU B 230 5.62 24.84 0.31
N ILE B 231 6.56 25.04 1.23
CA ILE B 231 6.28 25.92 2.36
C ILE B 231 6.06 27.35 1.89
N GLU B 232 6.84 27.78 0.90
CA GLU B 232 6.74 29.17 0.43
C GLU B 232 5.45 29.42 -0.33
N ILE B 233 5.01 28.47 -1.16
CA ILE B 233 3.77 28.67 -1.91
C ILE B 233 2.57 28.49 -0.99
N THR B 234 2.71 27.69 0.06
CA THR B 234 1.62 27.55 1.02
C THR B 234 1.36 28.87 1.75
N ALA B 235 2.42 29.59 2.08
CA ALA B 235 2.26 30.93 2.64
C ALA B 235 1.52 31.85 1.68
N ASN B 236 1.82 31.75 0.38
CA ASN B 236 1.10 32.55 -0.61
C ASN B 236 -0.33 32.07 -0.78
N ILE B 237 -0.54 30.76 -0.80
CA ILE B 237 -1.88 30.22 -1.03
C ILE B 237 -2.82 30.61 0.11
N LEU B 238 -2.37 30.44 1.35
CA LEU B 238 -3.22 30.73 2.50
C LEU B 238 -3.52 32.21 2.64
N ALA B 239 -2.69 33.08 2.08
CA ALA B 239 -2.92 34.51 2.15
C ALA B 239 -3.74 35.02 0.97
N LYS B 240 -3.89 34.24 -0.09
CA LYS B 240 -4.60 34.72 -1.27
C LYS B 240 -6.08 34.88 -0.96
N LYS B 241 -6.66 35.99 -1.38
CA LYS B 241 -8.07 36.28 -1.14
C LYS B 241 -8.88 36.03 -2.40
N ASP B 242 -10.08 35.51 -2.22
CA ASP B 242 -10.98 35.30 -3.35
C ASP B 242 -11.47 36.64 -3.89
N ASP B 243 -11.69 36.69 -5.19
CA ASP B 243 -12.30 37.85 -5.82
C ASP B 243 -13.76 37.62 -6.18
N LEU B 244 -14.27 36.42 -5.90
CA LEU B 244 -15.66 36.09 -6.16
C LEU B 244 -16.53 36.24 -4.92
N THR B 245 -16.00 35.95 -3.73
CA THR B 245 -16.68 36.10 -2.45
C THR B 245 -15.82 36.92 -1.49
N ASN B 246 -16.31 37.06 -0.25
CA ASN B 246 -15.61 37.79 0.79
C ASN B 246 -14.65 36.92 1.59
N ASN B 247 -14.31 35.74 1.08
CA ASN B 247 -13.48 34.80 1.82
C ASN B 247 -12.11 34.64 1.21
N TYR B 248 -11.24 33.93 1.94
CA TYR B 248 -9.97 33.48 1.38
C TYR B 248 -10.23 32.42 0.32
N LEU B 249 -9.42 32.44 -0.75
CA LEU B 249 -9.66 31.55 -1.87
C LEU B 249 -9.54 30.09 -1.46
N VAL B 250 -8.63 29.77 -0.55
CA VAL B 250 -8.43 28.38 -0.14
C VAL B 250 -9.67 27.83 0.56
N ASP B 251 -10.44 28.70 1.22
CA ASP B 251 -11.64 28.26 1.92
C ASP B 251 -12.82 28.00 0.99
N MET B 252 -12.71 28.35 -0.28
CA MET B 252 -13.77 28.12 -1.25
C MET B 252 -13.42 27.00 -2.24
N ILE B 253 -12.30 26.34 -2.05
CA ILE B 253 -11.89 25.21 -2.90
C ILE B 253 -12.46 23.94 -2.30
N LEU B 254 -13.12 23.12 -3.12
CA LEU B 254 -13.74 21.90 -2.62
C LEU B 254 -12.66 20.85 -2.35
N ASP B 255 -12.79 20.18 -1.20
CA ASP B 255 -11.73 19.31 -0.70
C ASP B 255 -11.81 17.91 -1.30
N ILE B 256 -11.65 17.85 -2.62
CA ILE B 256 -11.55 16.59 -3.35
C ILE B 256 -10.28 16.65 -4.20
N ALA B 257 -9.29 15.86 -3.83
CA ALA B 257 -8.01 15.81 -4.54
C ALA B 257 -7.64 14.36 -4.81
N GLY B 258 -7.92 13.88 -6.02
CA GLY B 258 -7.56 12.53 -6.37
C GLY B 258 -6.11 12.40 -6.77
N ALA B 259 -5.68 11.15 -6.93
CA ALA B 259 -4.33 10.84 -7.38
C ALA B 259 -4.29 10.78 -8.91
N LYS B 260 -3.30 11.45 -9.51
CA LYS B 260 -3.14 11.46 -10.95
C LYS B 260 -2.23 10.33 -11.44
N GLY B 261 -2.02 9.31 -10.62
CA GLY B 261 -1.22 8.19 -11.07
C GLY B 261 0.15 8.18 -10.44
N THR B 262 0.84 9.31 -10.56
CA THR B 262 2.22 9.43 -10.10
C THR B 262 2.43 8.86 -8.69
N GLY B 263 1.79 9.46 -7.68
CA GLY B 263 1.96 9.00 -6.31
C GLY B 263 1.44 7.60 -6.09
N LYS B 264 0.39 7.21 -6.82
CA LYS B 264 -0.16 5.87 -6.69
C LYS B 264 0.86 4.79 -7.02
N TRP B 265 1.75 5.05 -7.98
CA TRP B 265 2.68 4.00 -8.42
C TRP B 265 3.70 3.62 -7.35
N THR B 266 4.26 4.62 -6.64
CA THR B 266 5.32 4.33 -5.68
C THR B 266 4.80 3.50 -4.51
N MET B 267 3.52 3.63 -4.17
CA MET B 267 2.96 2.81 -3.11
C MET B 267 2.78 1.37 -3.57
N LEU B 268 2.55 1.16 -4.87
CA LEU B 268 2.51 -0.20 -5.40
C LEU B 268 3.87 -0.87 -5.27
N GLU B 269 4.94 -0.15 -5.60
CA GLU B 269 6.29 -0.69 -5.46
C GLU B 269 6.62 -0.99 -4.01
N ALA B 270 6.22 -0.09 -3.10
CA ALA B 270 6.48 -0.32 -1.67
C ALA B 270 5.82 -1.59 -1.19
N THR B 271 4.55 -1.80 -1.55
CA THR B 271 3.83 -2.99 -1.12
C THR B 271 4.41 -4.25 -1.77
N GLU B 272 4.67 -4.20 -3.07
CA GLU B 272 5.09 -5.42 -3.78
C GLU B 272 6.51 -5.83 -3.41
N ARG B 273 7.37 -4.86 -3.07
CA ARG B 273 8.73 -5.16 -2.67
C ARG B 273 8.90 -5.24 -1.16
N GLY B 274 7.85 -4.97 -0.40
CA GLY B 274 7.92 -5.12 1.05
C GLY B 274 8.72 -4.04 1.75
N ILE B 275 8.78 -2.84 1.19
CA ILE B 275 9.47 -1.71 1.80
C ILE B 275 8.41 -0.77 2.36
N PRO B 276 8.33 -0.60 3.68
CA PRO B 276 7.24 0.21 4.25
C PRO B 276 7.44 1.69 4.01
N CYS B 277 6.36 2.36 3.65
CA CYS B 277 6.35 3.82 3.44
C CYS B 277 5.09 4.39 4.08
N PRO B 278 5.03 4.43 5.41
CA PRO B 278 3.78 4.85 6.06
C PRO B 278 3.43 6.30 5.80
N THR B 279 4.43 7.19 5.75
CA THR B 279 4.16 8.60 5.43
C THR B 279 3.49 8.72 4.06
N MET B 280 3.88 7.86 3.11
CA MET B 280 3.25 7.87 1.80
C MET B 280 1.90 7.17 1.83
N CYS B 281 1.73 6.17 2.69
CA CYS B 281 0.43 5.51 2.82
C CYS B 281 -0.64 6.48 3.32
N ALA B 282 -0.30 7.29 4.32
CA ALA B 282 -1.25 8.26 4.84
C ALA B 282 -1.60 9.32 3.79
N ALA B 283 -0.63 9.70 2.96
CA ALA B 283 -0.88 10.72 1.94
C ALA B 283 -1.91 10.25 0.93
N LEU B 284 -1.79 9.01 0.46
CA LEU B 284 -2.77 8.48 -0.48
C LEU B 284 -4.11 8.19 0.20
N ASP B 285 -4.08 7.83 1.49
CA ASP B 285 -5.33 7.63 2.22
C ASP B 285 -6.14 8.91 2.29
N ALA B 286 -5.48 10.03 2.60
CA ALA B 286 -6.19 11.30 2.67
C ALA B 286 -6.78 11.69 1.33
N ARG B 287 -6.03 11.46 0.24
CA ARG B 287 -6.55 11.77 -1.08
C ARG B 287 -7.70 10.86 -1.48
N ASN B 288 -7.59 9.56 -1.18
CA ASN B 288 -8.62 8.62 -1.58
C ASN B 288 -9.90 8.81 -0.77
N ILE B 289 -9.77 9.15 0.52
CA ILE B 289 -10.95 9.38 1.34
C ILE B 289 -11.69 10.63 0.89
N SER B 290 -10.95 11.66 0.44
CA SER B 290 -11.58 12.93 0.08
C SER B 290 -12.53 12.77 -1.10
N VAL B 291 -12.31 11.77 -1.96
CA VAL B 291 -13.16 11.61 -3.14
C VAL B 291 -14.55 11.15 -2.73
N PHE B 292 -14.66 10.42 -1.63
CA PHE B 292 -15.96 10.02 -1.09
C PHE B 292 -16.55 11.17 -0.27
N LYS B 293 -16.73 12.30 -0.95
CA LYS B 293 -17.18 13.53 -0.30
C LYS B 293 -18.61 13.39 0.21
N GLU B 294 -19.48 12.72 -0.54
CA GLU B 294 -20.87 12.57 -0.14
C GLU B 294 -21.06 11.44 0.85
N LEU B 295 -20.06 10.57 1.02
CA LEU B 295 -20.06 9.63 2.11
C LEU B 295 -19.55 10.27 3.40
N ARG B 296 -18.61 11.21 3.29
CA ARG B 296 -18.12 11.92 4.46
C ARG B 296 -19.18 12.86 5.03
N THR B 297 -20.06 13.38 4.17
CA THR B 297 -21.14 14.23 4.65
C THR B 297 -22.20 13.41 5.37
N LYS B 298 -22.56 12.25 4.81
CA LYS B 298 -23.52 11.37 5.46
C LYS B 298 -22.96 10.79 6.75
N ALA B 299 -21.66 10.51 6.78
CA ALA B 299 -21.06 9.95 7.99
C ALA B 299 -21.02 10.98 9.11
N GLU B 300 -20.75 12.25 8.77
CA GLU B 300 -20.68 13.28 9.79
C GLU B 300 -22.05 13.56 10.40
N SER B 301 -23.10 13.52 9.58
CA SER B 301 -24.45 13.74 10.11
C SER B 301 -24.85 12.67 11.10
N ASN B 302 -24.36 11.44 10.93
CA ASN B 302 -24.64 10.38 11.89
C ASN B 302 -23.69 10.45 13.07
N PHE B 303 -22.42 10.79 12.83
CA PHE B 303 -21.46 10.97 13.90
C PHE B 303 -21.20 12.47 14.07
N ASN B 304 -22.19 13.20 14.62
CA ASN B 304 -21.95 14.61 14.91
C ASN B 304 -20.68 14.83 15.70
N LYS B 305 -19.88 15.71 15.13
CA LYS B 305 -18.62 16.14 15.69
C LYS B 305 -18.87 17.40 16.51
N ASP B 306 -18.51 17.33 17.77
CA ASP B 306 -18.64 18.48 18.64
C ASP B 306 -17.56 19.48 18.26
N ASN B 307 -17.85 20.75 18.49
CA ASN B 307 -16.87 21.78 18.23
C ASN B 307 -15.60 21.50 19.03
N ILE B 308 -14.45 21.91 18.50
CA ILE B 308 -13.20 21.65 19.20
C ILE B 308 -13.13 22.68 20.34
N LEU B 309 -13.55 22.27 21.52
CA LEU B 309 -13.51 23.13 22.70
C LEU B 309 -12.25 22.75 23.49
N ILE B 310 -11.23 23.59 23.41
CA ILE B 310 -9.95 23.31 24.04
C ILE B 310 -10.01 23.68 25.52
N ASP B 311 -9.34 22.89 26.34
CA ASP B 311 -9.32 23.14 27.78
C ASP B 311 -8.83 24.55 28.05
N PRO B 312 -9.52 25.32 28.89
CA PRO B 312 -9.07 26.70 29.16
C PRO B 312 -7.71 26.74 29.83
N ASN B 313 -7.35 25.68 30.55
CA ASN B 313 -6.06 25.57 31.22
C ASN B 313 -5.10 24.67 30.46
N GLU B 314 -5.38 24.42 29.18
CA GLU B 314 -4.42 23.78 28.29
C GLU B 314 -3.25 24.73 28.02
N ASP B 315 -2.03 24.20 28.15
CA ASP B 315 -0.83 25.00 27.88
C ASP B 315 -0.51 24.90 26.39
N LEU B 316 -0.52 26.05 25.71
CA LEU B 316 -0.28 26.09 24.27
C LEU B 316 0.85 27.03 23.85
N ASN B 317 1.51 27.70 24.79
CA ASN B 317 2.74 28.42 24.47
C ASN B 317 3.82 27.42 24.05
N ASP B 318 4.60 27.80 23.04
CA ASP B 318 5.61 26.97 22.40
C ASP B 318 4.99 25.82 21.58
N PHE B 319 3.67 25.73 21.53
CA PHE B 319 3.03 24.74 20.66
C PHE B 319 3.35 25.03 19.19
N GLU B 320 3.43 26.31 18.84
CA GLU B 320 3.78 26.71 17.48
C GLU B 320 5.20 26.29 17.13
N ASN B 321 6.10 26.27 18.11
CA ASN B 321 7.47 25.82 17.88
C ASN B 321 7.62 24.32 18.03
N ASP B 322 6.74 23.67 18.79
CA ASP B 322 6.72 22.21 18.82
C ASP B 322 6.24 21.63 17.50
N LEU B 323 5.25 22.27 16.87
CA LEU B 323 4.80 21.83 15.55
C LEU B 323 5.86 22.05 14.49
N LEU B 324 6.64 23.14 14.59
CA LEU B 324 7.76 23.34 13.67
C LEU B 324 8.71 22.15 13.72
N ASN B 325 9.16 21.78 14.92
CA ASN B 325 10.07 20.66 15.06
C ASN B 325 9.39 19.35 14.69
N ALA B 326 8.10 19.21 15.01
CA ALA B 326 7.37 18.00 14.65
C ALA B 326 7.27 17.85 13.14
N LEU B 327 6.89 18.93 12.45
CA LEU B 327 6.81 18.88 10.99
C LEU B 327 8.17 18.59 10.38
N TYR B 328 9.23 19.19 10.94
CA TYR B 328 10.59 18.91 10.46
C TYR B 328 11.00 17.48 10.74
N CYS B 329 10.59 16.91 11.88
CA CYS B 329 10.88 15.51 12.16
C CYS B 329 10.24 14.60 11.14
N CYS B 330 9.01 14.90 10.75
CA CYS B 330 8.30 14.06 9.79
C CYS B 330 8.89 14.17 8.39
N LYS B 331 9.55 15.28 8.08
CA LYS B 331 10.22 15.40 6.78
C LYS B 331 11.47 14.54 6.72
N ILE B 332 12.26 14.54 7.80
CA ILE B 332 13.41 13.64 7.88
C ILE B 332 12.96 12.19 7.79
N ILE B 333 11.86 11.86 8.47
CA ILE B 333 11.35 10.49 8.44
C ILE B 333 10.80 10.16 7.06
N SER B 334 10.13 11.12 6.42
CA SER B 334 9.56 10.87 5.10
C SER B 334 10.65 10.59 4.08
N TYR B 335 11.70 11.42 4.06
CA TYR B 335 12.82 11.19 3.14
C TYR B 335 13.55 9.89 3.47
N THR B 336 13.62 9.52 4.75
CA THR B 336 14.28 8.27 5.12
C THR B 336 13.61 7.08 4.45
N GLN B 337 12.27 7.03 4.50
CA GLN B 337 11.56 5.95 3.82
C GLN B 337 11.70 6.05 2.32
N GLY B 338 11.76 7.27 1.78
CA GLY B 338 11.90 7.44 0.34
C GLY B 338 13.25 6.98 -0.16
N LEU B 339 14.33 7.34 0.55
CA LEU B 339 15.65 6.93 0.13
C LEU B 339 15.93 5.47 0.46
N PHE B 340 15.32 4.93 1.52
CA PHE B 340 15.44 3.51 1.79
C PHE B 340 14.82 2.68 0.68
N LEU B 341 13.66 3.10 0.18
CA LEU B 341 13.07 2.41 -0.96
C LEU B 341 13.97 2.52 -2.18
N LEU B 342 14.51 3.71 -2.43
CA LEU B 342 15.48 3.88 -3.51
C LEU B 342 16.68 2.97 -3.30
N LYS B 343 17.25 2.97 -2.09
CA LYS B 343 18.38 2.09 -1.79
C LYS B 343 18.04 0.62 -2.03
N GLN B 344 16.88 0.18 -1.54
CA GLN B 344 16.53 -1.23 -1.66
C GLN B 344 16.34 -1.62 -3.13
N VAL B 345 15.55 -0.85 -3.87
CA VAL B 345 15.33 -1.18 -5.28
C VAL B 345 16.60 -1.04 -6.10
N SER B 346 17.49 -0.11 -5.73
CA SER B 346 18.75 0.03 -6.44
C SER B 346 19.56 -1.27 -6.39
N GLU B 347 19.60 -1.92 -5.24
CA GLU B 347 20.34 -3.17 -5.13
C GLU B 347 19.56 -4.36 -5.68
N GLU B 348 18.22 -4.33 -5.62
CA GLU B 348 17.45 -5.40 -6.23
C GLU B 348 17.51 -5.33 -7.75
N MET B 349 17.54 -4.13 -8.31
CA MET B 349 17.69 -3.95 -9.73
C MET B 349 19.15 -3.88 -10.18
N ASN B 350 20.09 -3.84 -9.23
CA ASN B 350 21.52 -3.72 -9.52
C ASN B 350 21.81 -2.46 -10.33
N TRP B 351 21.26 -1.34 -9.87
CA TRP B 351 21.48 -0.05 -10.52
C TRP B 351 22.66 0.71 -9.93
N LYS B 352 23.06 0.41 -8.71
CA LYS B 352 24.13 1.11 -8.01
C LYS B 352 23.95 2.62 -8.10
N LEU B 353 22.77 3.07 -7.68
CA LEU B 353 22.48 4.49 -7.67
C LEU B 353 23.33 5.18 -6.59
N ASN B 354 23.67 6.44 -6.85
CA ASN B 354 24.41 7.26 -5.90
C ASN B 354 23.41 8.28 -5.36
N LEU B 355 22.84 7.99 -4.17
CA LEU B 355 21.80 8.84 -3.64
C LEU B 355 22.33 10.21 -3.21
N GLY B 356 23.64 10.33 -2.98
CA GLY B 356 24.21 11.64 -2.73
C GLY B 356 24.03 12.55 -3.93
N GLU B 357 24.19 11.99 -5.13
CA GLU B 357 24.00 12.78 -6.35
C GLU B 357 22.52 12.90 -6.69
N ILE B 358 21.72 11.90 -6.33
CA ILE B 358 20.27 11.98 -6.48
C ILE B 358 19.70 13.13 -5.64
N ALA B 359 20.14 13.21 -4.37
CA ALA B 359 19.70 14.31 -3.52
C ALA B 359 20.15 15.65 -4.07
N ARG B 360 21.34 15.70 -4.67
CA ARG B 360 21.86 16.96 -5.21
C ARG B 360 21.16 17.32 -6.51
N ILE B 361 20.71 16.31 -7.28
CA ILE B 361 19.92 16.57 -8.46
C ILE B 361 18.63 17.28 -8.08
N TRP B 362 18.15 17.04 -6.86
CA TRP B 362 16.90 17.60 -6.36
C TRP B 362 17.05 19.00 -5.75
N ARG B 363 18.22 19.63 -5.87
CA ARG B 363 18.36 20.97 -5.28
C ARG B 363 17.68 22.05 -6.11
N GLY B 364 17.29 21.76 -7.35
CA GLY B 364 16.59 22.72 -8.16
C GLY B 364 15.56 22.06 -9.05
N GLY B 365 14.58 22.86 -9.46
CA GLY B 365 13.59 22.36 -10.39
C GLY B 365 12.41 21.61 -9.81
N CYS B 366 12.59 20.99 -8.64
CA CYS B 366 11.61 20.08 -8.10
C CYS B 366 10.48 20.86 -7.47
N ILE B 367 9.39 20.14 -7.21
CA ILE B 367 8.45 20.64 -6.24
C ILE B 367 9.04 20.55 -4.84
N ILE B 368 9.96 19.61 -4.60
CA ILE B 368 10.46 19.35 -3.25
C ILE B 368 11.75 20.13 -2.96
N ARG B 369 12.09 21.11 -3.79
CA ARG B 369 13.32 21.85 -3.60
C ARG B 369 13.52 22.23 -2.13
N ALA B 370 14.69 21.92 -1.56
CA ALA B 370 14.93 22.50 -0.24
C ALA B 370 16.43 22.54 0.00
N VAL B 371 16.85 23.48 0.85
CA VAL B 371 18.21 23.42 1.36
C VAL B 371 18.36 22.17 2.21
N PHE B 372 17.23 21.59 2.63
CA PHE B 372 17.24 20.40 3.47
C PHE B 372 17.89 19.22 2.76
N LEU B 373 17.60 19.03 1.47
CA LEU B 373 18.17 17.89 0.76
C LEU B 373 19.63 18.10 0.40
N ASP B 374 20.16 19.31 0.56
CA ASP B 374 21.60 19.49 0.40
C ASP B 374 22.34 18.91 1.60
N ARG B 375 21.75 19.04 2.80
CA ARG B 375 22.27 18.32 3.95
C ARG B 375 22.15 16.81 3.76
N ILE B 376 21.11 16.37 3.05
CA ILE B 376 20.97 14.94 2.73
C ILE B 376 22.14 14.51 1.85
N ALA B 377 22.43 15.29 0.81
CA ALA B 377 23.58 15.02 -0.04
C ALA B 377 24.86 15.01 0.79
N ASN B 378 24.96 15.90 1.77
CA ASN B 378 26.15 15.93 2.63
C ASN B 378 26.28 14.65 3.45
N ALA B 379 25.15 14.01 3.76
CA ALA B 379 25.19 12.77 4.52
C ALA B 379 25.81 11.64 3.70
N TYR B 380 25.40 11.51 2.43
CA TYR B 380 25.83 10.39 1.60
C TYR B 380 27.27 10.54 1.11
N LYS B 381 27.73 11.79 0.97
CA LYS B 381 29.09 12.12 0.59
C LYS B 381 30.04 11.78 1.74
N ASN B 382 29.53 11.93 2.97
CA ASN B 382 30.24 11.55 4.19
C ASN B 382 30.20 10.05 4.48
N ASN B 383 29.10 9.40 4.14
CA ASN B 383 28.97 7.95 4.32
C ASN B 383 28.16 7.42 3.15
N GLU B 384 28.85 6.83 2.17
CA GLU B 384 28.21 6.33 0.97
C GLU B 384 27.46 5.03 1.20
N LYS B 385 27.67 4.39 2.36
CA LYS B 385 27.01 3.15 2.73
C LYS B 385 25.95 3.37 3.79
N LEU B 386 25.44 4.59 3.89
CA LEU B 386 24.42 4.90 4.88
C LEU B 386 23.15 4.14 4.54
N GLU B 387 22.64 3.37 5.54
CA GLU B 387 21.41 2.59 5.33
C GLU B 387 20.18 3.47 5.49
N LEU B 388 19.91 3.95 6.70
CA LEU B 388 18.83 4.89 6.95
C LEU B 388 19.39 6.28 7.20
N LEU B 389 18.63 7.30 6.78
CA LEU B 389 19.22 8.64 6.76
C LEU B 389 19.15 9.31 8.13
N PHE B 390 18.14 9.01 8.96
CA PHE B 390 18.16 9.58 10.30
C PHE B 390 19.10 8.85 11.25
N LEU B 391 19.73 7.76 10.81
CA LEU B 391 20.82 7.17 11.58
C LEU B 391 22.12 7.93 11.39
N ASP B 392 22.18 8.82 10.42
CA ASP B 392 23.31 9.72 10.26
C ASP B 392 23.39 10.69 11.44
N ASN B 393 24.62 11.14 11.72
CA ASN B 393 24.86 11.93 12.93
C ASN B 393 24.20 13.30 12.86
N GLU B 394 24.19 13.91 11.68
CA GLU B 394 23.46 15.18 11.54
C GLU B 394 21.99 15.03 11.91
N PHE B 395 21.31 14.08 11.28
CA PHE B 395 19.88 13.93 11.48
C PHE B 395 19.54 13.34 12.85
N SER B 396 20.36 12.38 13.32
CA SER B 396 20.09 11.75 14.60
C SER B 396 20.05 12.75 15.73
N ASP B 397 20.95 13.73 15.71
CA ASP B 397 20.91 14.77 16.74
C ASP B 397 19.72 15.70 16.54
N ASP B 398 19.32 15.93 15.29
CA ASP B 398 18.08 16.67 15.04
C ASP B 398 16.86 15.88 15.51
N ILE B 399 16.84 14.57 15.23
CA ILE B 399 15.73 13.73 15.69
C ILE B 399 15.67 13.70 17.21
N LYS B 400 16.82 13.48 17.85
CA LYS B 400 16.84 13.36 19.31
C LYS B 400 16.50 14.69 19.98
N ASN B 401 16.76 15.81 19.32
CA ASN B 401 16.39 17.10 19.90
C ASN B 401 14.93 17.45 19.66
N LYS B 402 14.36 16.99 18.56
CA LYS B 402 13.04 17.46 18.12
C LYS B 402 11.95 16.40 18.17
N LEU B 403 12.29 15.13 18.43
CA LEU B 403 11.26 14.11 18.54
C LEU B 403 10.28 14.35 19.69
N PRO B 404 10.70 14.84 20.86
CA PRO B 404 9.69 15.17 21.89
C PRO B 404 8.62 16.12 21.41
N SER B 405 8.95 17.05 20.51
CA SER B 405 7.94 17.93 19.94
C SER B 405 6.91 17.15 19.14
N LEU B 406 7.36 16.11 18.41
CA LEU B 406 6.44 15.27 17.66
C LEU B 406 5.49 14.52 18.58
N ARG B 407 5.98 14.09 19.75
CA ARG B 407 5.12 13.37 20.69
C ARG B 407 3.97 14.23 21.17
N LYS B 408 4.25 15.49 21.52
CA LYS B 408 3.20 16.33 22.08
C LYS B 408 2.23 16.82 21.01
N ILE B 409 2.70 16.94 19.77
CA ILE B 409 1.79 17.31 18.67
C ILE B 409 0.80 16.18 18.43
N VAL B 410 1.28 14.94 18.36
CA VAL B 410 0.38 13.80 18.19
C VAL B 410 -0.54 13.68 19.40
N LEU B 411 -0.02 13.92 20.60
CA LEU B 411 -0.84 13.86 21.80
C LEU B 411 -1.94 14.90 21.77
N MET B 412 -1.63 16.12 21.34
CA MET B 412 -2.61 17.20 21.37
C MET B 412 -3.70 17.00 20.31
N ALA B 413 -3.32 16.55 19.12
CA ALA B 413 -4.32 16.29 18.09
C ALA B 413 -5.20 15.10 18.45
N THR B 414 -4.59 14.03 18.97
CA THR B 414 -5.36 12.87 19.43
C THR B 414 -6.37 13.28 20.50
N LYS B 415 -5.95 14.14 21.43
CA LYS B 415 -6.82 14.55 22.53
C LYS B 415 -8.06 15.25 22.02
N TYR B 416 -7.91 16.15 21.04
CA TYR B 416 -9.02 16.92 20.50
C TYR B 416 -9.55 16.36 19.19
N SER B 417 -9.24 15.10 18.88
CA SER B 417 -9.85 14.40 17.75
C SER B 417 -9.53 15.07 16.42
N ILE B 418 -8.30 15.49 16.24
CA ILE B 418 -7.81 16.02 14.97
C ILE B 418 -7.06 14.87 14.25
N PRO B 419 -7.44 14.52 13.04
CA PRO B 419 -6.78 13.38 12.39
C PRO B 419 -5.51 13.80 11.67
N ILE B 420 -4.38 13.21 12.06
CA ILE B 420 -3.11 13.46 11.40
C ILE B 420 -2.45 12.12 11.08
N PRO B 421 -2.96 11.38 10.07
CA PRO B 421 -2.41 10.05 9.81
C PRO B 421 -0.94 10.06 9.46
N ALA B 422 -0.48 11.07 8.72
CA ALA B 422 0.93 11.14 8.36
C ALA B 422 1.82 11.38 9.57
N PHE B 423 1.37 12.23 10.49
CA PHE B 423 2.13 12.47 11.72
C PHE B 423 2.16 11.23 12.60
N SER B 424 1.01 10.58 12.78
CA SER B 424 0.96 9.38 13.60
C SER B 424 1.80 8.26 12.99
N ALA B 425 1.69 8.09 11.67
CA ALA B 425 2.50 7.06 11.00
C ALA B 425 3.98 7.36 11.11
N SER B 426 4.36 8.63 10.95
CA SER B 426 5.77 9.01 11.01
C SER B 426 6.38 8.66 12.38
N LEU B 427 5.64 8.91 13.46
CA LEU B 427 6.16 8.59 14.78
C LEU B 427 6.06 7.10 15.08
N ALA B 428 5.06 6.42 14.52
CA ALA B 428 5.01 4.97 14.64
C ALA B 428 6.14 4.31 13.85
N TYR B 429 6.39 4.80 12.63
CA TYR B 429 7.46 4.23 11.82
C TYR B 429 8.82 4.37 12.51
N PHE B 430 9.07 5.53 13.13
CA PHE B 430 10.36 5.75 13.78
C PHE B 430 10.54 4.82 14.99
N GLN B 431 9.49 4.66 15.80
CA GLN B 431 9.61 3.87 17.02
C GLN B 431 9.78 2.38 16.73
N MET B 432 9.27 1.90 15.60
CA MET B 432 9.42 0.49 15.24
C MET B 432 10.73 0.22 14.50
N VAL B 433 11.13 1.14 13.62
CA VAL B 433 12.39 0.98 12.91
C VAL B 433 13.56 0.98 13.89
N THR B 434 13.43 1.71 14.99
CA THR B 434 14.48 1.84 15.99
C THR B 434 14.27 0.91 17.19
N SER B 435 13.46 -0.12 17.04
CA SER B 435 13.19 -1.09 18.10
C SER B 435 13.77 -2.44 17.70
N GLN B 436 14.64 -2.99 18.56
CA GLN B 436 15.24 -4.29 18.26
C GLN B 436 14.21 -5.41 18.37
N ASN B 437 13.31 -5.32 19.34
CA ASN B 437 12.31 -6.34 19.59
C ASN B 437 10.93 -5.76 19.34
N LEU B 438 10.17 -6.37 18.45
CA LEU B 438 8.82 -5.96 18.12
C LEU B 438 7.86 -7.10 18.43
N PRO B 439 6.57 -6.81 18.66
CA PRO B 439 5.64 -7.85 19.11
C PRO B 439 5.27 -8.88 18.07
N LEU B 440 6.11 -9.06 17.06
CA LEU B 440 5.81 -9.99 15.99
C LEU B 440 6.26 -11.42 16.30
N ASN B 441 6.79 -11.65 17.50
CA ASN B 441 6.96 -13.00 17.99
C ASN B 441 5.62 -13.67 18.22
N LEU B 442 4.64 -12.91 18.71
CA LEU B 442 3.29 -13.44 18.86
C LEU B 442 2.68 -13.77 17.51
N VAL B 443 3.02 -13.01 16.47
CA VAL B 443 2.53 -13.30 15.13
C VAL B 443 3.13 -14.61 14.61
N GLN B 444 4.45 -14.77 14.75
CA GLN B 444 5.09 -16.00 14.31
C GLN B 444 4.56 -17.21 15.08
N ALA B 445 4.26 -17.04 16.36
CA ALA B 445 3.67 -18.12 17.14
C ALA B 445 2.26 -18.45 16.65
N GLN B 446 1.52 -17.43 16.23
CA GLN B 446 0.17 -17.65 15.71
C GLN B 446 0.20 -18.40 14.39
N ARG B 447 1.07 -17.98 13.47
CA ARG B 447 1.12 -18.64 12.16
C ARG B 447 1.54 -20.09 12.29
N ASP B 448 2.45 -20.39 13.24
CA ASP B 448 2.81 -21.77 13.49
C ASP B 448 1.64 -22.52 14.13
N TYR B 449 0.79 -21.82 14.86
CA TYR B 449 -0.36 -22.43 15.50
C TYR B 449 -1.36 -22.96 14.46
N PHE B 450 -1.88 -22.07 13.62
CA PHE B 450 -2.96 -22.44 12.70
C PHE B 450 -2.48 -22.84 11.31
N GLY B 451 -1.27 -22.43 10.92
CA GLY B 451 -0.82 -22.66 9.56
C GLY B 451 0.40 -23.56 9.48
N SER B 452 0.95 -23.89 10.65
CA SER B 452 2.14 -24.74 10.78
C SER B 452 3.33 -24.18 9.99
N HIS B 453 3.45 -22.86 9.95
CA HIS B 453 4.62 -22.23 9.36
C HIS B 453 5.77 -22.29 10.35
N THR B 454 6.94 -22.69 9.87
CA THR B 454 8.11 -22.83 10.74
C THR B 454 8.51 -21.47 11.32
N TYR B 455 9.28 -21.49 12.39
CA TYR B 455 9.78 -20.27 12.99
C TYR B 455 11.23 -20.46 13.43
N ARG B 456 11.92 -19.34 13.64
CA ARG B 456 13.29 -19.30 14.13
C ARG B 456 13.30 -18.77 15.57
N ARG B 457 14.37 -19.09 16.28
CA ARG B 457 14.46 -18.81 17.71
C ARG B 457 15.51 -17.76 18.02
N THR B 458 15.37 -17.19 19.22
CA THR B 458 16.35 -16.23 19.74
C THR B 458 17.76 -16.80 19.73
N ASP B 459 17.97 -17.90 20.42
CA ASP B 459 19.28 -18.38 20.84
C ASP B 459 19.85 -19.51 19.99
N ARG B 460 19.19 -19.89 18.90
CA ARG B 460 19.62 -21.04 18.12
C ARG B 460 19.19 -20.92 16.67
N GLU B 461 19.87 -21.68 15.82
CA GLU B 461 19.56 -21.77 14.41
C GLU B 461 18.53 -22.87 14.16
N GLY B 462 18.10 -22.99 12.92
CA GLY B 462 17.15 -24.00 12.53
C GLY B 462 15.71 -23.51 12.55
N ASN B 463 14.86 -24.26 11.87
CA ASN B 463 13.43 -23.99 11.82
C ASN B 463 12.69 -24.96 12.74
N TYR B 464 11.75 -24.43 13.51
CA TYR B 464 11.06 -25.21 14.53
C TYR B 464 9.55 -25.13 14.34
N HIS B 465 8.88 -26.18 14.80
CA HIS B 465 7.43 -26.24 14.82
C HIS B 465 7.01 -26.78 16.19
N THR B 466 5.92 -26.25 16.73
CA THR B 466 5.51 -26.60 18.07
C THR B 466 4.07 -27.09 18.08
N LEU B 467 3.82 -28.13 18.87
CA LEU B 467 2.47 -28.57 19.19
C LEU B 467 2.04 -27.74 20.40
N TRP B 468 1.29 -26.67 20.15
CA TRP B 468 0.97 -25.72 21.21
C TRP B 468 -0.07 -26.27 22.18
PA NAP C . 3.81 -28.10 -0.52
O1A NAP C . 4.69 -29.31 -0.36
O2A NAP C . 2.72 -28.13 0.53
O5B NAP C . 3.12 -28.12 -2.03
C5B NAP C . 1.75 -28.40 -2.13
C4B NAP C . 1.43 -28.98 -3.54
O4B NAP C . 1.96 -28.23 -4.47
C3B NAP C . 2.09 -30.37 -3.70
O3B NAP C . 1.20 -31.26 -4.21
C2B NAP C . 3.24 -30.14 -4.70
O2B NAP C . 3.50 -31.39 -5.49
C1B NAP C . 2.77 -29.20 -5.47
N9A NAP C . 3.85 -28.49 -6.11
C8A NAP C . 4.70 -27.57 -5.63
N7A NAP C . 5.53 -27.22 -6.61
C5A NAP C . 5.19 -27.92 -7.71
C6A NAP C . 5.71 -27.95 -8.98
N6A NAP C . 6.78 -27.28 -9.70
N1A NAP C . 5.18 -28.75 -9.90
C2A NAP C . 4.14 -29.56 -9.58
N3A NAP C . 3.62 -29.53 -8.32
C4A NAP C . 4.16 -28.71 -7.39
O3 NAP C . 4.72 -26.74 -0.34
PN NAP C . 4.08 -25.22 -0.23
O1N NAP C . 5.29 -24.12 -0.03
O2N NAP C . 3.14 -25.15 0.96
O5D NAP C . 3.31 -24.90 -1.48
P2B NAP C . 4.45 -32.55 -4.82
O1X NAP C . 5.75 -31.93 -4.34
O2X NAP C . 3.74 -33.18 -3.65
O3X NAP C . 4.75 -33.60 -5.86
C1 EDO D . -6.08 -20.15 5.48
O1 EDO D . -6.99 -19.70 6.48
C2 EDO D . -5.20 -18.97 5.04
O2 EDO D . -4.41 -19.36 3.91
C1 EDO E . -10.10 -9.88 17.73
O1 EDO E . -11.41 -10.40 17.95
C2 EDO E . -9.64 -10.24 16.32
O2 EDO E . -9.76 -11.65 16.11
PA NAP F . -1.92 17.14 -23.80
O1A NAP F . -0.79 17.92 -23.14
O2A NAP F . -2.64 18.04 -24.78
O5B NAP F . -1.26 15.85 -24.60
C5B NAP F . 0.12 15.71 -24.47
C4B NAP F . 0.78 14.95 -25.66
O4B NAP F . 0.42 13.69 -25.66
C3B NAP F . 0.36 15.53 -27.02
O3B NAP F . 1.43 15.65 -27.84
C2B NAP F . -0.62 14.48 -27.56
O2B NAP F . -0.66 14.60 -29.05
C1B NAP F . -0.13 13.35 -27.14
N9A NAP F . -1.17 12.36 -27.04
C8A NAP F . -2.14 12.21 -26.12
N7A NAP F . -2.87 11.15 -26.47
C5A NAP F . -2.35 10.64 -27.60
C6A NAP F . -2.72 9.56 -28.37
N6A NAP F . -3.76 8.54 -28.33
N1A NAP F . -2.02 9.25 -29.46
C2A NAP F . -0.96 10.01 -29.82
N3A NAP F . -0.60 11.08 -29.06
C4A NAP F . -1.31 11.38 -27.95
O3 NAP F . -2.98 16.64 -22.63
PN NAP F . -2.87 17.07 -21.04
O1N NAP F . -1.59 16.53 -20.45
O2N NAP F . -2.89 18.57 -20.92
O5D NAP F . -4.15 16.44 -20.22
P2B NAP F . -1.27 16.03 -29.58
O1X NAP F . -0.24 17.13 -29.46
O2X NAP F . -1.69 15.89 -31.02
O3X NAP F . -2.48 16.38 -28.75
#